data_7CM1
#
_entry.id   7CM1
#
_cell.length_a   119.966
_cell.length_b   143.148
_cell.length_c   120.097
_cell.angle_alpha   90.000
_cell.angle_beta   90.000
_cell.angle_gamma   90.000
#
_symmetry.space_group_name_H-M   'C 2 2 21'
#
loop_
_entity.id
_entity.type
_entity.pdbx_description
1 polymer Neuraminidase
2 non-polymer 'CALCIUM ION'
3 non-polymer '(3R,4R,5S)-4-(acetylamino)-5-amino-3-(pentan-3-yloxy)cyclohex-1-ene-1-carboxylic acid'
4 water water
#
_entity_poly.entity_id   1
_entity_poly.type   'polypeptide(L)'
_entity_poly.pdbx_seq_one_letter_code
;PKYRMSRPTCRGQKWTVMSNVWTSRWVATGTNARNIRPPTAIFLKKGLRAVSLAHNTAGPNPLSGTGSDRSEFRDLITWS
PSGYPGDESTETICKAWSFFACFDGKEDLIGCISGPDNNAVLTIMYGGKPTDLYNSYALDILRTMESQCVCNNGTCSAMI
TDGPDIGPSKARMLFIKEGKIEKVVIVDGPGSSMVEECSCINEDSNEFGCLCRDNTANSRRPFLKCFWDSRTCKADYTCS
QTLLDCPRPNDSIQTCGTSFGSLAGGLKGAYIPLGKGRICATRTVDKIQRKGMELMCTNGNILLEQDAMKKIGDLVTPTA
QTGYSSATTIPRATEECDTICVATELVFSGAKGTNADLVIHCLLGEARETESVVTAVVDRTTYSSLL
;
_entity_poly.pdbx_strand_id   B,A
#
# COMPACT_ATOMS: atom_id res chain seq x y z
N PRO A 1 -18.51 -16.35 -8.80
CA PRO A 1 -17.06 -16.51 -8.70
C PRO A 1 -16.67 -17.64 -7.73
N LYS A 2 -15.87 -18.59 -8.20
CA LYS A 2 -15.33 -19.69 -7.40
C LYS A 2 -13.84 -19.50 -7.19
N TYR A 3 -13.31 -20.09 -6.13
CA TYR A 3 -11.87 -20.06 -5.98
C TYR A 3 -11.25 -20.92 -7.07
N ARG A 4 -10.13 -20.47 -7.61
CA ARG A 4 -9.37 -21.30 -8.53
C ARG A 4 -8.80 -22.47 -7.76
N MET A 5 -8.80 -23.66 -8.38
CA MET A 5 -8.12 -24.80 -7.82
C MET A 5 -6.70 -24.90 -8.38
N SER A 6 -5.81 -25.49 -7.58
CA SER A 6 -4.48 -25.82 -8.09
C SER A 6 -4.63 -26.88 -9.17
N ARG A 7 -3.93 -26.70 -10.27
CA ARG A 7 -4.01 -27.63 -11.40
C ARG A 7 -2.68 -27.59 -12.13
N PRO A 8 -2.40 -28.58 -12.99
CA PRO A 8 -1.14 -28.57 -13.74
C PRO A 8 -1.14 -27.45 -14.77
N THR A 9 0.07 -27.12 -15.22
CA THR A 9 0.21 -26.20 -16.32
C THR A 9 -0.03 -26.93 -17.64
N CYS A 10 -0.50 -26.18 -18.63
CA CYS A 10 -0.70 -26.75 -19.97
C CYS A 10 0.63 -26.95 -20.66
N ARG A 11 0.84 -28.16 -21.17
CA ARG A 11 1.90 -28.37 -22.15
C ARG A 11 1.55 -27.69 -23.47
N GLY A 12 2.54 -27.52 -24.31
CA GLY A 12 2.31 -26.95 -25.62
C GLY A 12 3.37 -27.20 -26.67
N GLN A 13 3.49 -26.22 -27.58
CA GLN A 13 4.28 -26.34 -28.79
C GLN A 13 5.38 -25.30 -28.89
N LYS A 14 5.06 -24.02 -28.70
CA LYS A 14 6.03 -22.96 -28.86
C LYS A 14 5.79 -21.89 -27.82
N TRP A 15 6.87 -21.27 -27.35
CA TRP A 15 6.80 -20.08 -26.50
C TRP A 15 6.75 -18.87 -27.42
N THR A 16 5.58 -18.23 -27.50
CA THR A 16 5.39 -17.05 -28.32
C THR A 16 5.44 -15.81 -27.44
N VAL A 17 5.74 -14.67 -28.05
CA VAL A 17 5.91 -13.42 -27.30
C VAL A 17 4.56 -12.71 -27.33
N MET A 18 3.84 -12.79 -26.20
CA MET A 18 2.54 -12.14 -26.08
C MET A 18 2.66 -10.62 -26.07
N SER A 19 3.74 -10.08 -25.50
CA SER A 19 3.86 -8.64 -25.35
C SER A 19 5.24 -8.32 -24.80
N ASN A 20 5.64 -7.07 -24.99
CA ASN A 20 6.76 -6.54 -24.22
C ASN A 20 6.43 -5.16 -23.66
N VAL A 21 6.98 -4.90 -22.48
CA VAL A 21 6.95 -3.58 -21.88
C VAL A 21 8.23 -2.88 -22.29
N TRP A 22 8.11 -1.92 -23.22
CA TRP A 22 9.22 -1.11 -23.70
C TRP A 22 9.31 0.20 -22.93
N THR A 23 9.57 0.07 -21.62
CA THR A 23 9.84 1.23 -20.76
C THR A 23 10.87 2.16 -21.38
N SER A 24 11.93 1.59 -21.94
CA SER A 24 13.05 2.37 -22.46
C SER A 24 12.64 3.20 -23.67
N ARG A 25 11.72 2.68 -24.50
CA ARG A 25 11.18 3.48 -25.60
C ARG A 25 10.50 4.72 -25.07
N TRP A 26 9.70 4.60 -24.02
CA TRP A 26 8.97 5.75 -23.54
C TRP A 26 9.88 6.68 -22.75
N VAL A 27 10.94 6.14 -22.13
CA VAL A 27 11.96 6.98 -21.52
C VAL A 27 12.62 7.86 -22.58
N ALA A 28 13.03 7.24 -23.69
CA ALA A 28 13.68 8.00 -24.76
C ALA A 28 12.71 8.94 -25.46
N THR A 29 11.44 8.52 -25.64
CA THR A 29 10.41 9.38 -26.21
C THR A 29 10.21 10.65 -25.39
N GLY A 30 10.32 10.53 -24.07
CA GLY A 30 10.23 11.66 -23.19
C GLY A 30 8.97 11.79 -22.34
N THR A 31 8.16 10.72 -22.23
CA THR A 31 6.94 10.72 -21.44
C THR A 31 7.29 10.36 -19.99
N ASN A 32 6.29 10.36 -19.11
CA ASN A 32 6.54 10.10 -17.69
C ASN A 32 6.53 8.60 -17.42
N ALA A 33 7.55 7.95 -17.99
CA ALA A 33 7.77 6.53 -17.76
C ALA A 33 8.54 6.35 -16.46
N ARG A 34 8.02 5.49 -15.59
CA ARG A 34 8.53 5.32 -14.24
C ARG A 34 9.70 4.33 -14.19
N ASN A 35 10.64 4.61 -13.29
CA ASN A 35 11.75 3.69 -13.06
C ASN A 35 11.25 2.50 -12.25
N ILE A 36 11.48 1.30 -12.77
CA ILE A 36 10.96 0.08 -12.19
C ILE A 36 12.08 -0.94 -12.08
N ARG A 37 12.07 -1.70 -10.98
CA ARG A 37 12.86 -2.92 -10.78
C ARG A 37 12.24 -3.64 -9.59
N PRO A 38 12.05 -4.98 -9.66
CA PRO A 38 12.27 -5.88 -10.79
C PRO A 38 10.95 -6.35 -11.37
N PRO A 39 10.62 -5.98 -12.61
CA PRO A 39 9.30 -6.31 -13.14
C PRO A 39 9.16 -7.79 -13.42
N THR A 40 7.91 -8.25 -13.32
CA THR A 40 7.51 -9.56 -13.82
C THR A 40 6.03 -9.48 -14.19
N ALA A 41 5.44 -10.61 -14.54
CA ALA A 41 4.04 -10.69 -14.89
C ALA A 41 3.33 -11.59 -13.89
N ILE A 42 2.11 -11.20 -13.50
CA ILE A 42 1.27 -11.95 -12.58
C ILE A 42 -0.16 -11.90 -13.08
N PHE A 43 -0.85 -13.05 -13.09
CA PHE A 43 -2.28 -13.04 -13.41
C PHE A 43 -3.09 -12.53 -12.21
N LEU A 44 -3.77 -11.40 -12.38
CA LEU A 44 -4.55 -10.75 -11.32
C LEU A 44 -6.03 -10.66 -11.72
N LYS A 45 -6.83 -9.99 -10.87
CA LYS A 45 -8.27 -9.94 -11.08
C LYS A 45 -8.63 -9.23 -12.37
N LYS A 46 -7.83 -8.25 -12.78
CA LYS A 46 -8.04 -7.56 -14.05
C LYS A 46 -7.47 -8.31 -15.25
N GLY A 47 -6.96 -9.51 -15.08
CA GLY A 47 -6.27 -10.21 -16.15
C GLY A 47 -4.78 -10.24 -15.90
N LEU A 48 -4.04 -10.66 -16.94
CA LEU A 48 -2.59 -10.60 -16.89
C LEU A 48 -2.15 -9.17 -16.64
N ARG A 49 -1.17 -8.99 -15.75
CA ARG A 49 -0.67 -7.66 -15.45
C ARG A 49 0.83 -7.70 -15.35
N ALA A 50 1.48 -6.64 -15.83
CA ALA A 50 2.87 -6.38 -15.46
C ALA A 50 2.90 -5.75 -14.07
N VAL A 51 3.81 -6.25 -13.24
CA VAL A 51 3.88 -5.87 -11.83
C VAL A 51 5.33 -5.58 -11.47
N SER A 52 5.57 -4.51 -10.71
CA SER A 52 6.94 -4.18 -10.31
C SER A 52 6.93 -3.19 -9.16
N LEU A 53 8.02 -3.22 -8.40
CA LEU A 53 8.35 -2.10 -7.52
C LEU A 53 8.78 -0.90 -8.35
N ALA A 54 8.54 0.29 -7.82
CA ALA A 54 8.85 1.54 -8.47
C ALA A 54 9.37 2.51 -7.42
N HIS A 55 9.59 3.78 -7.79
CA HIS A 55 10.30 4.72 -6.92
C HIS A 55 9.57 6.05 -6.71
N ASN A 56 8.27 6.14 -7.04
CA ASN A 56 7.57 7.43 -7.04
C ASN A 56 8.40 8.50 -7.74
N THR A 57 8.88 8.16 -8.95
CA THR A 57 9.45 9.10 -9.92
C THR A 57 9.16 8.59 -11.33
N ALA A 58 9.53 9.42 -12.31
CA ALA A 58 9.40 9.05 -13.71
C ALA A 58 10.32 9.95 -14.52
N GLY A 59 10.60 9.54 -15.76
CA GLY A 59 11.26 10.40 -16.71
C GLY A 59 10.35 11.55 -17.10
N PRO A 60 10.89 12.54 -17.83
CA PRO A 60 12.22 12.60 -18.44
C PRO A 60 13.32 13.14 -17.53
N ASN A 61 12.95 13.67 -16.35
CA ASN A 61 13.89 14.20 -15.36
C ASN A 61 13.64 13.50 -14.03
N PRO A 62 14.06 12.24 -13.91
CA PRO A 62 13.81 11.51 -12.67
C PRO A 62 14.69 12.01 -11.53
N LEU A 63 14.21 11.79 -10.32
CA LEU A 63 14.97 12.14 -9.13
C LEU A 63 16.06 11.09 -8.88
N SER A 64 17.06 11.48 -8.10
CA SER A 64 18.19 10.60 -7.85
C SER A 64 17.78 9.42 -6.96
N GLY A 65 18.56 8.34 -7.05
CA GLY A 65 18.37 7.17 -6.22
C GLY A 65 17.60 6.02 -6.83
N THR A 66 17.36 6.01 -8.15
CA THR A 66 16.54 4.97 -8.74
C THR A 66 17.22 3.60 -8.73
N GLY A 67 18.54 3.57 -8.53
CA GLY A 67 19.23 2.32 -8.36
C GLY A 67 19.18 1.72 -6.96
N SER A 68 18.46 2.35 -6.03
CA SER A 68 18.40 1.85 -4.66
C SER A 68 17.38 0.72 -4.54
N ASP A 69 17.70 -0.25 -3.67
CA ASP A 69 16.82 -1.38 -3.43
C ASP A 69 15.67 -1.00 -2.50
N ARG A 70 16.00 -0.40 -1.37
CA ARG A 70 15.03 -0.08 -0.33
C ARG A 70 15.12 1.40 -0.05
N SER A 71 13.95 2.03 0.11
CA SER A 71 13.84 3.44 0.48
C SER A 71 12.40 3.70 0.82
N GLU A 72 12.18 4.84 1.48
CA GLU A 72 10.83 5.25 1.88
C GLU A 72 9.91 5.50 0.69
N PHE A 73 10.46 5.72 -0.50
CA PHE A 73 9.67 6.10 -1.67
C PHE A 73 9.32 4.89 -2.54
N ARG A 74 9.81 3.71 -2.20
CA ARG A 74 9.57 2.51 -2.97
C ARG A 74 8.10 2.13 -2.95
N ASP A 75 7.68 1.48 -4.03
CA ASP A 75 6.31 1.49 -4.52
C ASP A 75 5.97 0.12 -5.12
N LEU A 76 4.72 -0.32 -5.02
CA LEU A 76 4.28 -1.47 -5.80
C LEU A 76 3.21 -1.02 -6.79
N ILE A 77 3.48 -1.21 -8.09
CA ILE A 77 2.55 -0.75 -9.13
C ILE A 77 2.37 -1.85 -10.17
N THR A 78 1.22 -1.80 -10.84
CA THR A 78 0.89 -2.70 -11.93
C THR A 78 0.39 -1.91 -13.12
N TRP A 79 0.44 -2.52 -14.30
CA TRP A 79 0.03 -1.88 -15.54
C TRP A 79 -0.15 -2.95 -16.60
N SER A 80 -0.57 -2.53 -17.80
CA SER A 80 -0.90 -3.46 -18.85
C SER A 80 0.35 -4.20 -19.33
N PRO A 81 0.24 -5.51 -19.58
CA PRO A 81 1.42 -6.28 -20.07
C PRO A 81 2.00 -5.75 -21.37
N SER A 82 1.24 -5.01 -22.18
CA SER A 82 1.80 -4.35 -23.34
C SER A 82 1.84 -2.83 -23.18
N GLY A 83 1.79 -2.33 -21.94
CA GLY A 83 1.86 -0.92 -21.68
C GLY A 83 3.26 -0.51 -21.26
N TYR A 84 3.33 0.62 -20.56
CA TYR A 84 4.55 1.00 -19.88
C TYR A 84 4.19 1.56 -18.51
N PRO A 85 5.09 1.42 -17.53
CA PRO A 85 4.76 1.90 -16.17
C PRO A 85 4.63 3.42 -16.18
N GLY A 86 3.48 3.92 -15.72
CA GLY A 86 3.14 5.33 -15.74
C GLY A 86 2.11 5.72 -16.79
N ASP A 87 1.70 4.79 -17.65
CA ASP A 87 0.73 5.09 -18.69
C ASP A 87 -0.68 5.03 -18.11
N GLU A 88 -1.69 5.03 -18.98
CA GLU A 88 -3.07 5.09 -18.51
C GLU A 88 -3.46 3.87 -17.69
N SER A 89 -2.82 2.73 -17.93
CA SER A 89 -3.24 1.50 -17.28
C SER A 89 -2.60 1.30 -15.92
N THR A 90 -1.83 2.27 -15.45
CA THR A 90 -1.04 2.08 -14.24
C THR A 90 -1.93 2.18 -13.01
N GLU A 91 -1.72 1.24 -12.08
CA GLU A 91 -2.37 1.21 -10.78
C GLU A 91 -1.31 1.18 -9.70
N THR A 92 -1.42 2.11 -8.75
CA THR A 92 -0.57 2.07 -7.57
C THR A 92 -1.25 1.18 -6.53
N ILE A 93 -0.46 0.34 -5.89
CA ILE A 93 -0.98 -0.67 -4.97
C ILE A 93 -0.69 -0.33 -3.51
N CYS A 94 0.58 -0.18 -3.14
CA CYS A 94 0.94 -0.03 -1.74
C CYS A 94 2.37 0.47 -1.61
N LYS A 95 2.73 0.81 -0.38
CA LYS A 95 4.12 1.01 0.00
C LYS A 95 4.83 -0.34 0.04
N ALA A 96 5.97 -0.43 -0.64
CA ALA A 96 6.67 -1.71 -0.68
C ALA A 96 8.05 -1.50 -1.28
N TRP A 97 9.05 -2.12 -0.66
CA TRP A 97 10.28 -2.44 -1.36
C TRP A 97 10.47 -3.96 -1.48
N SER A 98 9.46 -4.73 -1.13
CA SER A 98 9.44 -6.15 -1.51
C SER A 98 7.99 -6.59 -1.56
N PHE A 99 7.67 -7.53 -2.46
CA PHE A 99 6.25 -7.77 -2.73
C PHE A 99 5.96 -9.20 -3.18
N PHE A 100 4.69 -9.57 -3.02
CA PHE A 100 4.10 -10.65 -3.79
C PHE A 100 2.64 -10.30 -4.08
N ALA A 101 2.02 -11.09 -4.96
CA ALA A 101 0.64 -10.85 -5.34
C ALA A 101 0.13 -12.05 -6.13
N CYS A 102 -1.17 -12.29 -6.04
CA CYS A 102 -1.82 -13.34 -6.84
C CYS A 102 -3.31 -13.15 -6.73
N PHE A 103 -4.05 -13.97 -7.49
CA PHE A 103 -5.49 -13.81 -7.61
C PHE A 103 -6.13 -15.17 -7.34
N ASP A 104 -6.97 -15.25 -6.32
CA ASP A 104 -7.50 -16.55 -5.89
C ASP A 104 -8.78 -16.94 -6.59
N GLY A 105 -9.28 -16.12 -7.53
CA GLY A 105 -10.54 -16.35 -8.20
C GLY A 105 -11.63 -15.40 -7.77
N LYS A 106 -11.49 -14.77 -6.62
CA LYS A 106 -12.47 -13.80 -6.16
C LYS A 106 -11.86 -12.43 -5.94
N GLU A 107 -10.63 -12.37 -5.44
CA GLU A 107 -10.00 -11.12 -5.05
C GLU A 107 -8.50 -11.27 -5.21
N ASP A 108 -7.80 -10.13 -5.29
CA ASP A 108 -6.35 -10.10 -5.31
C ASP A 108 -5.79 -10.14 -3.89
N LEU A 109 -4.81 -11.00 -3.69
CA LEU A 109 -4.02 -11.07 -2.47
C LEU A 109 -2.67 -10.43 -2.73
N ILE A 110 -2.21 -9.60 -1.79
CA ILE A 110 -1.03 -8.76 -2.00
C ILE A 110 -0.23 -8.74 -0.71
N GLY A 111 1.08 -8.96 -0.83
CA GLY A 111 2.02 -8.75 0.26
C GLY A 111 2.91 -7.56 -0.07
N CYS A 112 2.99 -6.63 0.89
CA CYS A 112 3.76 -5.38 0.78
C CYS A 112 4.70 -5.30 1.98
N ILE A 113 5.99 -5.58 1.78
CA ILE A 113 6.99 -5.44 2.83
C ILE A 113 7.65 -4.09 2.69
N SER A 114 7.69 -3.35 3.79
CA SER A 114 8.48 -2.13 3.84
C SER A 114 8.97 -1.91 5.28
N GLY A 115 9.49 -0.72 5.55
CA GLY A 115 10.01 -0.36 6.85
C GLY A 115 11.52 -0.51 6.98
N PRO A 116 12.04 -0.37 8.19
CA PRO A 116 13.49 -0.37 8.38
C PRO A 116 14.08 -1.76 8.25
N ASP A 117 15.38 -1.80 7.94
CA ASP A 117 16.05 -3.08 7.73
C ASP A 117 15.98 -3.96 8.98
N ASN A 118 16.22 -3.38 10.16
CA ASN A 118 16.27 -4.16 11.41
C ASN A 118 14.90 -4.54 11.97
N ASN A 119 13.79 -4.17 11.31
CA ASN A 119 12.47 -4.53 11.79
C ASN A 119 11.38 -4.32 10.73
N ALA A 120 11.62 -4.75 9.48
CA ALA A 120 10.63 -4.53 8.44
C ALA A 120 9.36 -5.37 8.68
N VAL A 121 8.31 -5.04 7.94
CA VAL A 121 6.98 -5.59 8.19
C VAL A 121 6.28 -5.90 6.87
N LEU A 122 5.73 -7.12 6.78
CA LEU A 122 4.83 -7.51 5.70
C LEU A 122 3.43 -7.05 6.07
N THR A 123 2.83 -6.24 5.20
CA THR A 123 1.41 -5.93 5.26
C THR A 123 0.70 -6.74 4.18
N ILE A 124 -0.33 -7.47 4.57
CA ILE A 124 -1.15 -8.25 3.65
C ILE A 124 -2.45 -7.51 3.40
N MET A 125 -2.75 -7.30 2.12
CA MET A 125 -4.02 -6.76 1.64
C MET A 125 -4.79 -7.82 0.86
N TYR A 126 -6.10 -7.87 1.10
CA TYR A 126 -7.00 -8.72 0.35
C TYR A 126 -8.14 -7.83 -0.12
N GLY A 127 -8.39 -7.84 -1.42
CA GLY A 127 -9.46 -7.05 -2.00
C GLY A 127 -9.29 -5.55 -1.91
N GLY A 128 -8.06 -5.05 -1.92
CA GLY A 128 -7.87 -3.63 -1.67
C GLY A 128 -7.88 -3.21 -0.22
N LYS A 129 -8.13 -4.11 0.73
CA LYS A 129 -8.18 -3.73 2.13
C LYS A 129 -7.04 -4.36 2.93
N PRO A 130 -6.30 -3.58 3.74
CA PRO A 130 -5.28 -4.22 4.58
C PRO A 130 -5.96 -5.18 5.54
N THR A 131 -5.46 -6.42 5.58
CA THR A 131 -6.09 -7.48 6.36
C THR A 131 -5.19 -8.15 7.40
N ASP A 132 -3.87 -8.14 7.24
CA ASP A 132 -3.05 -8.86 8.22
C ASP A 132 -1.60 -8.39 8.09
N LEU A 133 -0.72 -8.94 8.94
CA LEU A 133 0.68 -8.57 8.86
C LEU A 133 1.55 -9.75 9.27
N TYR A 134 2.84 -9.63 8.97
CA TYR A 134 3.86 -10.53 9.48
C TYR A 134 5.12 -9.75 9.85
N ASN A 135 5.76 -10.17 10.95
CA ASN A 135 6.84 -9.42 11.56
C ASN A 135 8.19 -10.05 11.25
N SER A 136 9.21 -9.20 11.24
CA SER A 136 10.58 -9.66 11.02
C SER A 136 11.03 -10.54 12.18
N TYR A 137 11.51 -11.74 11.85
CA TYR A 137 11.96 -12.68 12.89
C TYR A 137 13.46 -12.80 13.00
N ALA A 138 14.22 -12.37 11.99
CA ALA A 138 15.67 -12.36 12.06
C ALA A 138 16.22 -10.95 12.22
N LEU A 139 15.36 -9.93 12.15
CA LEU A 139 15.76 -8.54 12.33
C LEU A 139 16.78 -8.08 11.29
N ASP A 140 16.67 -8.62 10.07
CA ASP A 140 17.67 -8.35 9.03
C ASP A 140 16.99 -8.53 7.67
N ILE A 141 16.20 -7.53 7.29
CA ILE A 141 15.59 -7.39 5.97
C ILE A 141 14.65 -8.55 5.69
N LEU A 142 13.55 -8.62 6.42
CA LEU A 142 12.43 -9.44 5.98
C LEU A 142 12.13 -9.12 4.53
N ARG A 143 11.88 -10.15 3.73
CA ARG A 143 11.75 -9.99 2.29
C ARG A 143 11.00 -11.18 1.71
N THR A 144 10.54 -11.03 0.48
CA THR A 144 9.62 -12.00 -0.10
C THR A 144 10.00 -12.22 -1.57
N MET A 145 9.07 -12.82 -2.33
CA MET A 145 9.42 -13.49 -3.59
C MET A 145 9.66 -12.54 -4.76
N GLU A 146 9.03 -11.38 -4.78
CA GLU A 146 9.01 -10.49 -5.96
C GLU A 146 8.35 -11.16 -7.15
N SER A 147 7.34 -11.99 -6.90
CA SER A 147 6.62 -12.69 -7.97
C SER A 147 5.32 -13.24 -7.39
N GLN A 148 4.60 -14.02 -8.19
CA GLN A 148 3.27 -14.43 -7.79
C GLN A 148 3.31 -15.34 -6.56
N CYS A 149 2.37 -15.11 -5.65
CA CYS A 149 2.01 -16.19 -4.75
C CYS A 149 1.17 -17.20 -5.52
N VAL A 150 0.79 -18.26 -4.84
CA VAL A 150 0.16 -19.40 -5.47
C VAL A 150 -1.12 -19.71 -4.72
N CYS A 151 -2.19 -20.12 -5.42
CA CYS A 151 -3.46 -20.32 -4.73
C CYS A 151 -4.15 -21.62 -5.08
N ASN A 152 -5.08 -21.99 -4.19
CA ASN A 152 -5.89 -23.21 -4.28
C ASN A 152 -7.06 -23.15 -3.29
N ASN A 153 -8.29 -23.15 -3.81
CA ASN A 153 -9.53 -23.17 -3.02
C ASN A 153 -9.48 -22.21 -1.83
N GLY A 154 -8.97 -21.00 -2.06
CA GLY A 154 -8.95 -19.97 -1.04
C GLY A 154 -7.66 -19.87 -0.22
N THR A 155 -6.82 -20.89 -0.24
CA THR A 155 -5.51 -20.78 0.40
C THR A 155 -4.47 -20.37 -0.64
N CYS A 156 -3.87 -19.22 -0.44
CA CYS A 156 -2.69 -18.84 -1.19
C CYS A 156 -1.47 -18.94 -0.30
N SER A 157 -0.34 -19.20 -0.91
CA SER A 157 0.90 -19.44 -0.22
C SER A 157 1.98 -18.56 -0.82
N ALA A 158 2.94 -18.23 0.03
CA ALA A 158 3.94 -17.23 -0.31
C ALA A 158 5.17 -17.45 0.55
N MET A 159 6.34 -17.42 -0.07
CA MET A 159 7.59 -17.56 0.67
C MET A 159 8.01 -16.21 1.22
N ILE A 160 8.60 -16.22 2.42
CA ILE A 160 9.31 -15.07 2.97
C ILE A 160 10.63 -15.58 3.53
N THR A 161 11.56 -14.66 3.73
CA THR A 161 12.80 -15.01 4.41
C THR A 161 13.31 -13.78 5.14
N ASP A 162 14.40 -13.97 5.88
CA ASP A 162 14.91 -12.96 6.80
C ASP A 162 16.26 -13.48 7.28
N GLY A 163 17.28 -12.61 7.32
CA GLY A 163 18.59 -13.02 7.75
C GLY A 163 19.68 -12.38 6.90
N PRO A 164 20.94 -12.46 7.34
CA PRO A 164 22.04 -11.90 6.56
C PRO A 164 22.04 -12.40 5.13
N ASP A 165 22.22 -11.47 4.18
CA ASP A 165 22.16 -11.82 2.76
C ASP A 165 23.40 -12.59 2.29
N ILE A 166 24.41 -12.75 3.14
CA ILE A 166 25.56 -13.60 2.85
C ILE A 166 25.52 -14.89 3.66
N GLY A 167 25.15 -14.80 4.94
CA GLY A 167 25.06 -15.95 5.80
C GLY A 167 23.73 -16.65 5.65
N PRO A 168 23.25 -17.27 6.73
CA PRO A 168 21.99 -18.01 6.65
C PRO A 168 20.80 -17.08 6.43
N SER A 169 19.76 -17.64 5.81
CA SER A 169 18.50 -16.95 5.50
C SER A 169 17.38 -17.99 5.54
N LYS A 170 17.06 -18.43 6.76
CA LYS A 170 16.06 -19.48 6.99
C LYS A 170 14.68 -18.97 6.59
N ALA A 171 14.14 -19.52 5.49
CA ALA A 171 12.88 -19.05 4.93
C ALA A 171 11.68 -19.66 5.64
N ARG A 172 10.51 -19.07 5.40
CA ARG A 172 9.24 -19.55 5.92
C ARG A 172 8.20 -19.48 4.80
N MET A 173 7.18 -20.31 4.92
CA MET A 173 6.06 -20.36 4.00
C MET A 173 4.81 -19.92 4.72
N LEU A 174 4.07 -18.98 4.12
CA LEU A 174 2.82 -18.50 4.69
C LEU A 174 1.66 -19.08 3.91
N PHE A 175 0.60 -19.45 4.64
CA PHE A 175 -0.67 -19.92 4.08
C PHE A 175 -1.80 -19.02 4.57
N ILE A 176 -2.51 -18.43 3.60
CA ILE A 176 -3.30 -17.20 3.72
C ILE A 176 -4.65 -17.42 3.04
N LYS A 177 -5.74 -17.22 3.78
CA LYS A 177 -7.10 -17.30 3.23
C LYS A 177 -7.83 -16.00 3.53
N GLU A 178 -8.35 -15.37 2.47
CA GLU A 178 -9.02 -14.06 2.58
C GLU A 178 -8.15 -13.03 3.29
N GLY A 179 -6.83 -13.10 3.09
CA GLY A 179 -5.91 -12.15 3.66
C GLY A 179 -5.44 -12.46 5.05
N LYS A 180 -5.91 -13.56 5.67
CA LYS A 180 -5.48 -13.95 6.99
C LYS A 180 -4.46 -15.07 6.91
N ILE A 181 -3.31 -14.87 7.58
CA ILE A 181 -2.32 -15.93 7.78
C ILE A 181 -2.94 -17.01 8.65
N GLU A 182 -3.18 -18.17 8.08
CA GLU A 182 -3.64 -19.32 8.87
C GLU A 182 -2.48 -20.21 9.29
N LYS A 183 -1.45 -20.37 8.47
CA LYS A 183 -0.35 -21.24 8.89
C LYS A 183 1.00 -20.69 8.44
N VAL A 184 2.01 -20.86 9.29
CA VAL A 184 3.40 -20.49 8.98
C VAL A 184 4.27 -21.74 9.15
N VAL A 185 5.01 -22.07 8.10
CA VAL A 185 5.84 -23.28 8.05
C VAL A 185 7.29 -22.85 7.94
N ILE A 186 8.12 -23.32 8.86
CA ILE A 186 9.56 -23.11 8.73
C ILE A 186 10.08 -24.16 7.76
N VAL A 187 10.86 -23.73 6.77
CA VAL A 187 11.30 -24.65 5.72
C VAL A 187 12.65 -25.22 6.10
N ASP A 188 12.67 -26.52 6.36
CA ASP A 188 13.88 -27.26 6.62
C ASP A 188 14.18 -28.12 5.40
N GLY A 189 15.32 -28.80 5.45
CA GLY A 189 15.76 -29.59 4.34
C GLY A 189 17.17 -29.22 3.93
N PRO A 190 17.83 -30.12 3.17
CA PRO A 190 19.24 -29.93 2.87
C PRO A 190 19.53 -28.72 1.99
N GLY A 191 18.52 -28.05 1.45
CA GLY A 191 18.74 -26.84 0.70
C GLY A 191 18.03 -25.62 1.28
N SER A 192 18.06 -25.48 2.61
CA SER A 192 17.26 -24.47 3.28
C SER A 192 18.07 -23.38 3.95
N SER A 193 19.40 -23.52 4.02
CA SER A 193 20.20 -22.57 4.80
C SER A 193 19.96 -21.14 4.34
N MET A 194 20.01 -20.89 3.03
CA MET A 194 19.85 -19.56 2.47
C MET A 194 18.93 -19.68 1.25
N VAL A 195 17.70 -19.26 1.41
CA VAL A 195 16.68 -19.36 0.37
C VAL A 195 16.02 -18.00 0.24
N GLU A 196 16.01 -17.45 -0.97
CA GLU A 196 15.29 -16.20 -1.20
C GLU A 196 14.77 -16.12 -2.63
N GLU A 197 13.85 -15.15 -2.83
CA GLU A 197 13.32 -14.79 -4.14
C GLU A 197 12.78 -16.01 -4.89
N CYS A 198 12.15 -16.91 -4.14
CA CYS A 198 11.49 -18.07 -4.73
C CYS A 198 10.46 -17.67 -5.78
N SER A 199 10.49 -18.39 -6.89
CA SER A 199 9.51 -18.29 -7.97
C SER A 199 8.66 -19.55 -7.96
N CYS A 200 7.38 -19.42 -7.63
CA CYS A 200 6.52 -20.54 -7.27
C CYS A 200 5.37 -20.69 -8.26
N ILE A 201 5.09 -21.95 -8.64
CA ILE A 201 4.05 -22.30 -9.60
C ILE A 201 3.27 -23.49 -9.04
N ASN A 202 1.96 -23.50 -9.24
CA ASN A 202 1.17 -24.70 -8.99
C ASN A 202 1.56 -25.79 -9.98
N GLU A 203 1.81 -27.01 -9.47
CA GLU A 203 2.18 -28.15 -10.29
C GLU A 203 1.06 -29.15 -10.52
N ASP A 204 0.26 -29.42 -9.49
CA ASP A 204 -0.86 -30.34 -9.65
C ASP A 204 -1.85 -30.06 -8.53
N SER A 205 -2.95 -30.82 -8.53
CA SER A 205 -4.07 -30.54 -7.64
C SER A 205 -3.61 -30.35 -6.21
N ASN A 206 -2.54 -31.06 -5.81
CA ASN A 206 -2.09 -31.05 -4.42
C ASN A 206 -0.63 -30.63 -4.25
N GLU A 207 0.02 -30.04 -5.26
CA GLU A 207 1.42 -29.72 -5.01
C GLU A 207 1.86 -28.51 -5.80
N PHE A 208 2.63 -27.64 -5.14
CA PHE A 208 3.30 -26.55 -5.84
C PHE A 208 4.79 -26.57 -5.48
N GLY A 209 5.59 -25.89 -6.32
CA GLY A 209 7.03 -25.88 -6.14
C GLY A 209 7.63 -24.57 -6.58
N CYS A 210 8.82 -24.29 -6.05
CA CYS A 210 9.52 -23.04 -6.31
C CYS A 210 10.99 -23.31 -6.59
N LEU A 211 11.56 -22.49 -7.46
CA LEU A 211 13.00 -22.39 -7.67
C LEU A 211 13.46 -21.08 -7.08
N CYS A 212 14.41 -21.13 -6.17
CA CYS A 212 14.79 -19.95 -5.41
C CYS A 212 16.22 -19.53 -5.75
N ARG A 213 16.65 -18.46 -5.09
CA ARG A 213 18.00 -17.92 -5.24
C ARG A 213 18.78 -18.20 -3.96
N ASP A 214 20.00 -18.68 -4.12
CA ASP A 214 20.93 -18.85 -3.00
C ASP A 214 22.01 -17.80 -3.23
N ASN A 215 22.05 -16.78 -2.38
CA ASN A 215 22.97 -15.69 -2.66
C ASN A 215 24.39 -16.00 -2.20
N THR A 216 24.60 -17.16 -1.59
CA THR A 216 25.93 -17.62 -1.23
C THR A 216 26.65 -18.12 -2.49
N ALA A 217 27.91 -18.57 -2.32
CA ALA A 217 28.69 -19.10 -3.44
C ALA A 217 27.97 -20.21 -4.20
N ASN A 218 26.99 -20.86 -3.58
CA ASN A 218 26.26 -21.94 -4.22
C ASN A 218 25.57 -21.48 -5.50
N SER A 219 25.73 -22.27 -6.57
CA SER A 219 25.06 -22.02 -7.84
C SER A 219 23.88 -22.95 -8.09
N ARG A 220 23.67 -23.95 -7.24
CA ARG A 220 22.52 -24.83 -7.39
C ARG A 220 21.33 -24.20 -6.68
N ARG A 221 20.25 -23.97 -7.42
CA ARG A 221 19.09 -23.30 -6.85
C ARG A 221 18.42 -24.19 -5.82
N PRO A 222 18.04 -23.64 -4.67
CA PRO A 222 17.13 -24.36 -3.78
C PRO A 222 15.78 -24.53 -4.46
N PHE A 223 15.18 -25.70 -4.27
CA PHE A 223 13.85 -26.00 -4.74
C PHE A 223 12.98 -26.25 -3.51
N LEU A 224 11.89 -25.51 -3.40
CA LEU A 224 10.90 -25.70 -2.35
C LEU A 224 9.74 -26.50 -2.92
N LYS A 225 9.44 -27.63 -2.29
CA LYS A 225 8.29 -28.45 -2.64
C LYS A 225 7.26 -28.34 -1.53
N CYS A 226 6.01 -28.07 -1.89
CA CYS A 226 4.95 -27.86 -0.92
C CYS A 226 3.71 -28.62 -1.32
N PHE A 227 2.96 -29.04 -0.30
CA PHE A 227 1.72 -29.79 -0.47
C PHE A 227 0.58 -28.99 0.13
N TRP A 228 -0.49 -28.84 -0.66
CA TRP A 228 -1.67 -28.07 -0.25
C TRP A 228 -2.42 -28.75 0.89
N ASP A 229 -2.62 -30.06 0.80
CA ASP A 229 -3.54 -30.72 1.73
C ASP A 229 -3.04 -30.61 3.17
N SER A 230 -1.75 -30.92 3.38
CA SER A 230 -1.09 -30.81 4.67
C SER A 230 -0.49 -29.44 4.94
N ARG A 231 -0.47 -28.56 3.94
CA ARG A 231 0.19 -27.26 4.04
C ARG A 231 1.62 -27.41 4.56
N THR A 232 2.41 -28.26 3.90
CA THR A 232 3.77 -28.53 4.38
C THR A 232 4.77 -28.31 3.26
N CYS A 233 6.02 -28.03 3.62
CA CYS A 233 7.05 -27.69 2.63
C CYS A 233 8.43 -28.26 3.00
N LYS A 234 9.28 -28.42 1.99
CA LYS A 234 10.66 -28.83 2.21
C LYS A 234 11.54 -28.27 1.11
N ALA A 235 12.83 -28.14 1.41
CA ALA A 235 13.80 -27.56 0.49
C ALA A 235 14.94 -28.53 0.19
N ASP A 236 15.31 -28.62 -1.09
CA ASP A 236 16.46 -29.42 -1.52
C ASP A 236 17.17 -28.69 -2.64
N TYR A 237 18.48 -28.89 -2.75
CA TYR A 237 19.24 -28.30 -3.85
C TYR A 237 18.97 -29.06 -5.15
N THR A 238 18.96 -28.33 -6.26
CA THR A 238 18.90 -28.99 -7.56
C THR A 238 20.20 -29.75 -7.82
N CYS A 239 20.06 -30.98 -8.34
CA CYS A 239 21.20 -31.86 -8.60
C CYS A 239 21.66 -31.87 -10.05
N SER A 240 20.84 -31.36 -10.97
CA SER A 240 21.22 -31.37 -12.38
C SER A 240 22.53 -30.61 -12.58
N GLN A 241 23.43 -31.19 -13.37
CA GLN A 241 24.68 -30.54 -13.71
C GLN A 241 24.48 -29.20 -14.40
N THR A 242 23.26 -28.85 -14.82
CA THR A 242 22.99 -27.58 -15.47
C THR A 242 22.75 -26.54 -14.39
N LEU A 243 23.75 -25.71 -14.13
CA LEU A 243 23.64 -24.73 -13.06
C LEU A 243 22.78 -23.57 -13.52
N LEU A 244 21.74 -23.27 -12.75
CA LEU A 244 20.73 -22.31 -13.14
C LEU A 244 20.97 -20.90 -12.62
N ASP A 245 21.83 -20.74 -11.62
CA ASP A 245 22.01 -19.43 -11.02
C ASP A 245 23.07 -18.62 -11.77
N CYS A 246 23.24 -17.36 -11.36
CA CYS A 246 24.17 -16.38 -11.91
C CYS A 246 24.68 -15.52 -10.76
N PRO A 247 26.01 -15.49 -10.51
CA PRO A 247 27.05 -16.15 -11.29
C PRO A 247 27.18 -17.64 -10.98
N ARG A 248 27.99 -18.31 -11.79
CA ARG A 248 28.12 -19.76 -11.71
C ARG A 248 29.36 -20.17 -12.48
N PRO A 249 29.92 -21.34 -12.18
CA PRO A 249 31.00 -21.87 -13.02
C PRO A 249 30.45 -22.70 -14.16
N ASN A 250 31.31 -23.52 -14.75
CA ASN A 250 30.86 -24.42 -15.80
C ASN A 250 29.93 -25.48 -15.23
N ASP A 251 29.03 -25.97 -16.08
CA ASP A 251 28.25 -27.13 -15.74
C ASP A 251 29.19 -28.29 -15.46
N SER A 252 28.92 -29.02 -14.37
CA SER A 252 29.72 -30.21 -14.07
C SER A 252 28.90 -31.16 -13.21
N ILE A 253 29.30 -32.42 -13.21
CA ILE A 253 28.60 -33.50 -12.51
C ILE A 253 29.14 -33.57 -11.08
N GLN A 254 28.24 -33.42 -10.09
CA GLN A 254 28.61 -33.53 -8.69
C GLN A 254 27.51 -34.30 -7.95
N THR A 255 27.88 -34.92 -6.82
CA THR A 255 26.93 -35.75 -6.09
C THR A 255 25.77 -34.90 -5.60
N CYS A 256 24.57 -35.47 -5.65
CA CYS A 256 23.37 -34.74 -5.29
C CYS A 256 23.40 -34.34 -3.81
N GLY A 257 22.56 -33.35 -3.48
CA GLY A 257 22.31 -32.98 -2.09
C GLY A 257 23.10 -31.79 -1.60
N THR A 258 24.35 -31.69 -2.03
CA THR A 258 25.26 -30.69 -1.51
C THR A 258 25.15 -29.39 -2.33
N SER A 259 25.69 -28.32 -1.77
CA SER A 259 25.87 -27.08 -2.51
C SER A 259 27.02 -27.24 -3.52
N PHE A 260 27.00 -26.41 -4.56
CA PHE A 260 28.10 -26.36 -5.51
C PHE A 260 28.22 -24.98 -6.13
N GLY A 261 29.43 -24.46 -6.17
CA GLY A 261 29.68 -23.15 -6.72
C GLY A 261 30.83 -22.45 -6.01
N SER A 262 31.45 -21.51 -6.73
CA SER A 262 32.60 -20.77 -6.21
C SER A 262 32.41 -19.25 -6.25
N LEU A 263 31.31 -18.77 -6.79
CA LEU A 263 31.11 -17.35 -7.04
C LEU A 263 29.90 -16.87 -6.25
N ALA A 264 30.16 -16.11 -5.18
CA ALA A 264 29.07 -15.55 -4.39
C ALA A 264 28.19 -14.68 -5.27
N GLY A 265 26.95 -14.50 -4.85
CA GLY A 265 25.97 -13.79 -5.64
C GLY A 265 24.79 -14.67 -5.98
N GLY A 266 23.97 -14.21 -6.92
CA GLY A 266 22.75 -14.93 -7.20
C GLY A 266 21.81 -14.09 -8.04
N LEU A 267 20.77 -14.77 -8.52
CA LEU A 267 19.80 -14.13 -9.40
C LEU A 267 18.49 -14.89 -9.31
N LYS A 268 17.38 -14.15 -9.24
CA LYS A 268 16.07 -14.77 -9.25
C LYS A 268 15.79 -15.34 -10.65
N GLY A 269 15.27 -16.55 -10.70
CA GLY A 269 14.96 -17.19 -11.96
C GLY A 269 13.68 -17.99 -11.89
N ALA A 270 13.13 -18.27 -13.08
CA ALA A 270 11.81 -18.87 -13.19
C ALA A 270 11.83 -20.38 -13.00
N TYR A 271 10.76 -20.88 -12.39
CA TYR A 271 10.43 -22.30 -12.33
C TYR A 271 9.24 -22.52 -13.25
N ILE A 272 9.39 -23.43 -14.22
CA ILE A 272 8.35 -23.63 -15.25
C ILE A 272 8.02 -25.12 -15.29
N PRO A 273 7.18 -25.62 -14.41
CA PRO A 273 6.72 -27.00 -14.56
C PRO A 273 5.78 -27.09 -15.74
N LEU A 274 5.97 -28.11 -16.57
CA LEU A 274 5.15 -28.33 -17.75
C LEU A 274 4.44 -29.67 -17.58
N GLY A 275 3.12 -29.60 -17.51
CA GLY A 275 2.39 -30.78 -17.22
C GLY A 275 2.84 -31.31 -15.86
N LYS A 276 2.61 -32.61 -15.68
CA LYS A 276 2.92 -33.26 -14.42
C LYS A 276 4.29 -33.95 -14.43
N GLY A 277 5.02 -33.90 -15.54
CA GLY A 277 6.27 -34.64 -15.63
C GLY A 277 7.49 -33.86 -16.05
N ARG A 278 7.32 -32.61 -16.49
CA ARG A 278 8.41 -31.86 -17.13
C ARG A 278 8.79 -30.67 -16.27
N ILE A 279 10.09 -30.36 -16.22
CA ILE A 279 10.58 -29.21 -15.47
C ILE A 279 11.45 -28.37 -16.39
N CYS A 280 11.13 -27.07 -16.50
CA CYS A 280 11.97 -26.11 -17.19
C CYS A 280 12.38 -25.01 -16.23
N ALA A 281 13.45 -24.32 -16.61
CA ALA A 281 13.98 -23.21 -15.83
C ALA A 281 14.70 -22.27 -16.79
N THR A 282 14.75 -21.00 -16.42
CA THR A 282 15.51 -20.01 -17.17
C THR A 282 16.86 -19.80 -16.52
N ARG A 283 17.89 -19.59 -17.33
CA ARG A 283 19.16 -19.14 -16.79
C ARG A 283 19.76 -18.15 -17.77
N THR A 284 20.63 -17.29 -17.24
CA THR A 284 21.35 -16.39 -18.12
C THR A 284 22.22 -17.18 -19.08
N VAL A 285 22.49 -16.60 -20.25
CA VAL A 285 23.42 -17.21 -21.19
C VAL A 285 24.85 -17.04 -20.70
N ASP A 286 25.19 -15.84 -20.24
CA ASP A 286 26.51 -15.60 -19.67
C ASP A 286 26.59 -16.18 -18.27
N LYS A 287 27.74 -16.76 -17.95
CA LYS A 287 27.91 -17.46 -16.68
C LYS A 287 28.05 -16.49 -15.51
N ILE A 288 28.52 -15.27 -15.77
CA ILE A 288 28.78 -14.30 -14.73
C ILE A 288 27.95 -13.03 -14.90
N GLN A 289 27.82 -12.55 -16.13
CA GLN A 289 27.01 -11.37 -16.41
C GLN A 289 25.55 -11.77 -16.56
N ARG A 290 24.66 -10.84 -16.18
CA ARG A 290 23.22 -11.02 -16.34
C ARG A 290 22.81 -10.63 -17.77
N LYS A 291 23.29 -11.44 -18.71
CA LYS A 291 23.01 -11.26 -20.11
C LYS A 291 22.36 -12.51 -20.69
N GLY A 292 21.33 -12.31 -21.51
CA GLY A 292 20.66 -13.41 -22.14
C GLY A 292 19.72 -14.15 -21.21
N MET A 293 18.88 -15.04 -21.74
CA MET A 293 17.92 -15.78 -20.92
C MET A 293 17.46 -16.96 -21.76
N GLU A 294 17.99 -18.13 -21.45
CA GLU A 294 17.69 -19.36 -22.16
C GLU A 294 16.88 -20.30 -21.29
N LEU A 295 16.05 -21.09 -21.96
CA LEU A 295 15.12 -22.02 -21.33
C LEU A 295 15.71 -23.42 -21.39
N MET A 296 15.74 -24.10 -20.24
CA MET A 296 16.32 -25.43 -20.11
C MET A 296 15.25 -26.36 -19.55
N CYS A 297 15.14 -27.57 -20.13
CA CYS A 297 14.12 -28.50 -19.66
C CYS A 297 14.68 -29.91 -19.52
N THR A 298 14.06 -30.67 -18.62
CA THR A 298 14.28 -32.10 -18.49
C THR A 298 12.97 -32.74 -18.07
N ASN A 299 12.80 -34.00 -18.40
CA ASN A 299 11.66 -34.76 -17.92
C ASN A 299 11.97 -35.55 -16.66
N GLY A 300 13.23 -35.53 -16.19
CA GLY A 300 13.61 -36.25 -14.98
C GLY A 300 13.47 -35.38 -13.73
N ASN A 301 13.74 -36.01 -12.59
CA ASN A 301 13.72 -35.34 -11.29
C ASN A 301 15.03 -34.59 -11.10
N ILE A 302 14.99 -33.26 -11.25
CA ILE A 302 16.19 -32.43 -11.15
C ILE A 302 16.80 -32.40 -9.76
N LEU A 303 16.10 -32.90 -8.75
CA LEU A 303 16.67 -33.00 -7.42
C LEU A 303 17.47 -34.28 -7.23
N LEU A 304 17.30 -35.24 -8.13
CA LEU A 304 17.84 -36.57 -7.93
C LEU A 304 18.74 -37.01 -9.08
N GLU A 305 18.82 -36.23 -10.14
CA GLU A 305 19.53 -36.66 -11.33
C GLU A 305 20.53 -35.58 -11.71
N GLN A 306 21.76 -35.98 -11.98
CA GLN A 306 22.69 -34.98 -12.47
C GLN A 306 22.56 -34.76 -13.97
N ASP A 307 21.69 -35.53 -14.63
CA ASP A 307 21.45 -35.40 -16.06
C ASP A 307 21.19 -33.95 -16.42
N ALA A 308 21.83 -33.50 -17.50
CA ALA A 308 21.74 -32.09 -17.90
C ALA A 308 20.34 -31.76 -18.38
N MET A 309 19.98 -30.49 -18.21
CA MET A 309 18.72 -29.99 -18.72
C MET A 309 18.95 -29.46 -20.14
N LYS A 310 18.22 -30.00 -21.11
CA LYS A 310 18.43 -29.61 -22.49
C LYS A 310 17.97 -28.18 -22.73
N LYS A 311 18.65 -27.48 -23.64
CA LYS A 311 18.28 -26.10 -23.95
C LYS A 311 17.17 -26.08 -25.01
N ILE A 312 16.04 -25.49 -24.67
CA ILE A 312 14.93 -25.39 -25.62
C ILE A 312 15.08 -24.19 -26.54
N GLY A 313 15.56 -23.06 -26.02
CA GLY A 313 15.84 -21.92 -26.87
C GLY A 313 16.22 -20.70 -26.06
N ASP A 314 16.47 -19.61 -26.81
CA ASP A 314 16.83 -18.31 -26.25
C ASP A 314 15.58 -17.44 -26.21
N LEU A 315 15.05 -17.19 -25.01
CA LEU A 315 13.90 -16.29 -24.88
C LEU A 315 14.19 -14.92 -25.46
N VAL A 316 15.44 -14.49 -25.41
CA VAL A 316 15.80 -13.12 -25.69
C VAL A 316 17.15 -13.10 -26.40
N THR A 317 17.46 -11.98 -27.04
CA THR A 317 18.75 -11.76 -27.67
C THR A 317 19.87 -12.13 -26.68
N PRO A 318 20.71 -13.12 -27.00
CA PRO A 318 21.59 -13.70 -25.96
C PRO A 318 22.62 -12.75 -25.39
N THR A 319 22.96 -11.68 -26.09
CA THR A 319 23.88 -10.68 -25.57
C THR A 319 23.18 -9.51 -24.88
N ALA A 320 21.85 -9.45 -24.94
CA ALA A 320 21.13 -8.37 -24.29
C ALA A 320 21.17 -8.54 -22.77
N GLN A 321 21.29 -7.41 -22.08
CA GLN A 321 21.20 -7.44 -20.63
C GLN A 321 19.84 -7.92 -20.19
N THR A 322 19.81 -8.82 -19.21
CA THR A 322 18.54 -9.35 -18.73
C THR A 322 18.40 -9.01 -17.25
N GLY A 323 18.29 -10.00 -16.37
CA GLY A 323 17.88 -9.76 -15.00
C GLY A 323 17.01 -10.88 -14.46
N TYR A 324 16.05 -10.53 -13.62
CA TYR A 324 15.15 -11.49 -13.00
C TYR A 324 14.27 -12.15 -14.06
N SER A 325 13.66 -13.27 -13.68
CA SER A 325 12.61 -13.86 -14.49
C SER A 325 11.74 -14.71 -13.59
N SER A 326 10.45 -14.77 -13.92
CA SER A 326 9.55 -15.66 -13.18
C SER A 326 8.32 -15.91 -14.02
N ALA A 327 7.63 -17.01 -13.70
CA ALA A 327 6.45 -17.40 -14.45
C ALA A 327 5.18 -17.10 -13.64
N THR A 328 4.06 -17.14 -14.35
CA THR A 328 2.73 -17.06 -13.74
C THR A 328 1.80 -17.91 -14.60
N THR A 329 0.71 -18.34 -13.99
CA THR A 329 -0.25 -19.23 -14.63
C THR A 329 -1.59 -18.53 -14.78
N ILE A 330 -2.24 -18.79 -15.91
CA ILE A 330 -3.43 -18.08 -16.38
C ILE A 330 -4.44 -19.16 -16.72
N PRO A 331 -5.68 -19.06 -16.29
CA PRO A 331 -6.65 -20.14 -16.57
C PRO A 331 -6.85 -20.34 -18.07
N ARG A 332 -7.14 -21.58 -18.44
CA ARG A 332 -7.62 -21.92 -19.76
C ARG A 332 -9.06 -22.36 -19.60
N ALA A 333 -9.98 -21.61 -20.20
CA ALA A 333 -11.39 -21.76 -19.85
C ALA A 333 -11.94 -23.13 -20.22
N THR A 334 -11.32 -23.84 -21.17
CA THR A 334 -11.95 -25.04 -21.72
C THR A 334 -11.12 -26.30 -21.53
N GLU A 335 -10.15 -26.30 -20.62
CA GLU A 335 -9.54 -27.57 -20.22
C GLU A 335 -8.94 -27.41 -18.83
N GLU A 336 -8.52 -28.54 -18.28
CA GLU A 336 -8.16 -28.64 -16.87
C GLU A 336 -6.75 -28.08 -16.53
N CYS A 337 -6.07 -27.37 -17.43
CA CYS A 337 -4.73 -26.88 -17.13
C CYS A 337 -4.66 -25.36 -17.23
N ASP A 338 -3.58 -24.80 -16.71
CA ASP A 338 -3.32 -23.36 -16.80
C ASP A 338 -2.24 -23.09 -17.84
N THR A 339 -2.47 -22.11 -18.69
CA THR A 339 -1.38 -21.58 -19.52
C THR A 339 -0.30 -21.03 -18.61
N ILE A 340 0.97 -21.27 -18.98
CA ILE A 340 2.09 -20.69 -18.23
C ILE A 340 2.83 -19.71 -19.11
N CYS A 341 3.12 -18.54 -18.55
CA CYS A 341 3.94 -17.52 -19.18
C CYS A 341 5.13 -17.22 -18.29
N VAL A 342 6.26 -16.91 -18.91
CA VAL A 342 7.46 -16.50 -18.20
C VAL A 342 7.78 -15.08 -18.60
N ALA A 343 8.06 -14.24 -17.62
CA ALA A 343 8.41 -12.85 -17.85
C ALA A 343 9.87 -12.67 -17.47
N THR A 344 10.66 -12.14 -18.41
CA THR A 344 12.06 -11.86 -18.13
C THR A 344 12.32 -10.36 -18.15
N GLU A 345 13.06 -9.91 -17.16
CA GLU A 345 13.37 -8.51 -16.98
C GLU A 345 14.56 -8.15 -17.85
N LEU A 346 14.51 -6.98 -18.47
CA LEU A 346 15.57 -6.48 -19.35
C LEU A 346 16.07 -5.16 -18.75
N VAL A 347 17.10 -5.22 -17.91
CA VAL A 347 17.52 -4.03 -17.20
C VAL A 347 18.27 -3.11 -18.15
N PHE A 348 18.09 -1.80 -17.95
CA PHE A 348 18.88 -0.81 -18.67
C PHE A 348 19.12 0.36 -17.74
N SER A 349 20.08 1.20 -18.11
CA SER A 349 20.37 2.36 -17.28
C SER A 349 20.96 3.47 -18.14
N GLY A 350 21.02 4.67 -17.55
CA GLY A 350 21.60 5.78 -18.28
C GLY A 350 21.41 7.09 -17.55
N ALA A 351 21.36 8.17 -18.32
CA ALA A 351 21.21 9.50 -17.73
C ALA A 351 19.90 9.65 -16.96
N LYS A 352 18.91 8.79 -17.23
CA LYS A 352 17.64 8.82 -16.52
C LYS A 352 17.50 7.67 -15.53
N GLY A 353 18.64 7.15 -15.05
CA GLY A 353 18.62 6.19 -13.96
C GLY A 353 18.61 4.74 -14.40
N THR A 354 18.39 3.88 -13.40
CA THR A 354 18.17 2.45 -13.60
C THR A 354 16.70 2.19 -13.87
N ASN A 355 16.43 1.21 -14.72
CA ASN A 355 15.07 0.92 -15.13
C ASN A 355 15.05 -0.47 -15.75
N ALA A 356 13.87 -0.91 -16.19
CA ALA A 356 13.76 -2.22 -16.80
C ALA A 356 12.64 -2.26 -17.83
N ASP A 357 12.90 -2.96 -18.93
CA ASP A 357 11.87 -3.44 -19.83
C ASP A 357 11.43 -4.83 -19.36
N LEU A 358 10.34 -5.31 -19.94
CA LEU A 358 9.83 -6.64 -19.63
C LEU A 358 9.52 -7.34 -20.94
N VAL A 359 9.66 -8.67 -20.96
CA VAL A 359 9.14 -9.43 -22.09
C VAL A 359 8.40 -10.66 -21.54
N ILE A 360 7.25 -10.98 -22.15
CA ILE A 360 6.38 -12.06 -21.66
C ILE A 360 6.24 -13.11 -22.76
N HIS A 361 6.79 -14.32 -22.53
CA HIS A 361 6.52 -15.45 -23.41
C HIS A 361 5.47 -16.34 -22.79
N CYS A 362 4.61 -16.95 -23.63
CA CYS A 362 3.65 -17.93 -23.13
C CYS A 362 3.73 -19.20 -23.95
N LEU A 363 3.49 -20.34 -23.29
CA LEU A 363 3.53 -21.64 -23.96
C LEU A 363 2.15 -21.97 -24.53
N LEU A 364 2.04 -21.95 -25.86
CA LEU A 364 0.78 -22.18 -26.57
C LEU A 364 0.92 -23.29 -27.61
N GLY A 365 -0.22 -23.69 -28.19
CA GLY A 365 -0.26 -24.73 -29.19
C GLY A 365 -0.46 -26.11 -28.61
N GLU A 366 -0.72 -27.07 -29.50
CA GLU A 366 -0.90 -28.43 -29.02
C GLU A 366 0.38 -28.96 -28.41
N ALA A 367 0.24 -29.86 -27.45
CA ALA A 367 1.37 -30.38 -26.69
C ALA A 367 2.41 -31.02 -27.59
N ARG A 368 3.69 -30.80 -27.27
CA ARG A 368 4.80 -31.39 -28.02
C ARG A 368 5.81 -31.96 -27.04
N GLU A 369 6.47 -33.07 -27.44
CA GLU A 369 7.49 -33.66 -26.59
C GLU A 369 8.60 -32.64 -26.28
N THR A 370 9.10 -31.95 -27.29
CA THR A 370 10.04 -30.86 -27.13
C THR A 370 9.51 -29.62 -27.82
N GLU A 371 9.42 -28.52 -27.08
CA GLU A 371 8.90 -27.27 -27.60
C GLU A 371 10.03 -26.43 -28.21
N SER A 372 9.66 -25.26 -28.71
CA SER A 372 10.59 -24.29 -29.25
C SER A 372 10.23 -22.90 -28.73
N VAL A 373 11.03 -21.91 -29.10
CA VAL A 373 10.91 -20.55 -28.58
C VAL A 373 10.98 -19.55 -29.74
N VAL A 374 10.17 -18.49 -29.67
CA VAL A 374 10.39 -17.32 -30.50
C VAL A 374 11.30 -16.37 -29.73
N THR A 375 12.46 -16.06 -30.31
CA THR A 375 13.43 -15.18 -29.66
C THR A 375 12.99 -13.72 -29.77
N ALA A 376 12.85 -13.06 -28.64
CA ALA A 376 12.50 -11.64 -28.59
C ALA A 376 13.76 -10.82 -28.78
N VAL A 377 13.79 -10.02 -29.83
CA VAL A 377 14.96 -9.19 -30.13
C VAL A 377 14.97 -8.00 -29.18
N VAL A 378 16.14 -7.73 -28.59
CA VAL A 378 16.34 -6.54 -27.75
C VAL A 378 17.50 -5.77 -28.34
N ASP A 379 17.20 -4.64 -28.99
CA ASP A 379 18.18 -3.83 -29.70
C ASP A 379 17.75 -2.38 -29.53
N ARG A 380 18.46 -1.63 -28.69
CA ARG A 380 18.16 -0.23 -28.41
C ARG A 380 19.04 0.74 -29.17
N THR A 381 19.80 0.27 -30.17
CA THR A 381 20.84 1.14 -30.75
C THR A 381 20.26 2.36 -31.45
N THR A 382 18.99 2.37 -31.83
CA THR A 382 18.46 3.57 -32.48
C THR A 382 17.97 4.63 -31.48
N TYR A 383 17.95 4.32 -30.19
CA TYR A 383 17.51 5.36 -29.25
C TYR A 383 18.26 5.33 -27.92
N SER A 384 19.28 4.49 -27.76
CA SER A 384 19.88 4.30 -26.44
C SER A 384 20.56 5.57 -25.93
N SER A 385 21.02 6.43 -26.84
CA SER A 385 21.67 7.66 -26.41
C SER A 385 20.75 8.59 -25.64
N LEU A 386 19.43 8.37 -25.71
CA LEU A 386 18.45 9.18 -25.00
C LEU A 386 18.00 8.54 -23.70
N LEU A 387 18.73 7.54 -23.21
CA LEU A 387 18.36 6.81 -22.00
C LEU A 387 19.13 7.26 -20.77
N PRO B 1 -26.53 -4.55 -2.07
CA PRO B 1 -25.71 -4.09 -0.95
C PRO B 1 -26.55 -3.76 0.28
N LYS B 2 -25.99 -4.03 1.45
CA LYS B 2 -26.61 -3.65 2.71
C LYS B 2 -25.99 -2.36 3.23
N TYR B 3 -26.76 -1.62 4.00
CA TYR B 3 -26.19 -0.49 4.72
C TYR B 3 -25.17 -0.98 5.74
N ARG B 4 -24.01 -0.30 5.81
CA ARG B 4 -23.04 -0.60 6.84
C ARG B 4 -23.63 -0.28 8.19
N MET B 5 -23.38 -1.14 9.18
CA MET B 5 -23.83 -0.90 10.54
C MET B 5 -22.65 -0.45 11.40
N SER B 6 -22.95 0.42 12.35
CA SER B 6 -21.92 0.89 13.26
C SER B 6 -21.44 -0.27 14.11
N ARG B 7 -20.12 -0.37 14.27
CA ARG B 7 -19.50 -1.48 14.99
C ARG B 7 -18.14 -1.04 15.53
N PRO B 8 -17.66 -1.66 16.60
CA PRO B 8 -16.35 -1.26 17.17
C PRO B 8 -15.21 -1.51 16.20
N THR B 9 -14.14 -0.73 16.37
CA THR B 9 -12.92 -0.96 15.61
C THR B 9 -12.22 -2.24 16.08
N CYS B 10 -11.35 -2.78 15.22
CA CYS B 10 -10.56 -3.96 15.57
C CYS B 10 -9.31 -3.56 16.34
N ARG B 11 -9.12 -4.17 17.50
CA ARG B 11 -7.81 -4.19 18.13
C ARG B 11 -6.81 -4.90 17.24
N GLY B 12 -5.53 -4.74 17.56
CA GLY B 12 -4.48 -5.45 16.86
C GLY B 12 -3.15 -5.51 17.59
N GLN B 13 -2.09 -5.61 16.80
CA GLN B 13 -0.72 -5.81 17.23
C GLN B 13 0.20 -4.66 16.87
N LYS B 14 0.10 -4.12 15.65
CA LYS B 14 1.08 -3.16 15.20
C LYS B 14 0.45 -2.23 14.18
N TRP B 15 0.82 -0.96 14.23
CA TRP B 15 0.47 0.01 13.19
C TRP B 15 1.51 -0.08 12.08
N THR B 16 1.11 -0.62 10.92
CA THR B 16 1.97 -0.72 9.76
C THR B 16 1.58 0.33 8.73
N VAL B 17 2.55 0.69 7.88
CA VAL B 17 2.36 1.75 6.89
C VAL B 17 1.78 1.12 5.62
N MET B 18 0.49 1.37 5.37
CA MET B 18 -0.12 0.85 4.15
C MET B 18 0.42 1.53 2.90
N SER B 19 0.56 2.85 2.92
CA SER B 19 1.03 3.53 1.71
C SER B 19 1.39 4.98 2.01
N ASN B 20 2.24 5.52 1.13
CA ASN B 20 2.59 6.93 1.05
C ASN B 20 1.85 7.58 -0.10
N VAL B 21 1.40 8.82 0.11
CA VAL B 21 1.14 9.75 -0.98
C VAL B 21 2.32 10.69 -0.98
N TRP B 22 3.24 10.50 -1.95
CA TRP B 22 4.45 11.31 -2.07
C TRP B 22 4.26 12.43 -3.08
N THR B 23 3.32 13.32 -2.77
CA THR B 23 3.08 14.49 -3.63
C THR B 23 4.37 15.23 -3.91
N SER B 24 5.24 15.37 -2.91
CA SER B 24 6.48 16.11 -3.11
C SER B 24 7.37 15.44 -4.14
N ARG B 25 7.42 14.11 -4.14
CA ARG B 25 8.22 13.40 -5.15
C ARG B 25 7.78 13.81 -6.55
N TRP B 26 6.46 13.90 -6.77
CA TRP B 26 5.97 14.18 -8.12
C TRP B 26 6.08 15.65 -8.46
N VAL B 27 5.91 16.55 -7.47
CA VAL B 27 6.22 17.95 -7.69
C VAL B 27 7.66 18.11 -8.16
N ALA B 28 8.60 17.45 -7.48
CA ALA B 28 9.99 17.61 -7.87
C ALA B 28 10.30 16.88 -9.19
N THR B 29 9.58 15.79 -9.47
CA THR B 29 9.76 15.07 -10.73
C THR B 29 9.40 15.96 -11.91
N GLY B 30 8.40 16.82 -11.74
CA GLY B 30 7.98 17.71 -12.79
C GLY B 30 6.62 17.42 -13.38
N THR B 31 5.89 16.43 -12.85
CA THR B 31 4.58 16.13 -13.41
C THR B 31 3.52 17.05 -12.78
N ASN B 32 2.27 16.88 -13.23
CA ASN B 32 1.17 17.75 -12.82
C ASN B 32 0.57 17.29 -11.50
N ALA B 33 1.42 17.27 -10.48
CA ALA B 33 0.98 17.05 -9.10
C ALA B 33 0.26 18.29 -8.58
N ARG B 34 -0.97 18.11 -8.09
CA ARG B 34 -1.81 19.21 -7.65
C ARG B 34 -1.47 19.61 -6.21
N ASN B 35 -1.60 20.91 -5.91
CA ASN B 35 -1.40 21.41 -4.55
C ASN B 35 -2.63 21.10 -3.72
N ILE B 36 -2.44 20.36 -2.63
CA ILE B 36 -3.53 19.89 -1.79
C ILE B 36 -3.27 20.29 -0.35
N ARG B 37 -4.33 20.66 0.37
CA ARG B 37 -4.22 20.60 1.83
C ARG B 37 -5.50 20.00 2.43
N PRO B 38 -5.71 20.16 3.73
CA PRO B 38 -5.83 18.99 4.64
C PRO B 38 -6.15 17.68 3.94
N PRO B 39 -5.15 16.91 3.52
CA PRO B 39 -5.45 15.55 3.03
C PRO B 39 -5.62 14.57 4.17
N THR B 40 -6.48 13.59 3.94
CA THR B 40 -6.65 12.47 4.86
C THR B 40 -7.11 11.26 4.04
N ALA B 41 -7.39 10.16 4.72
CA ALA B 41 -7.91 8.96 4.09
C ALA B 41 -9.35 8.74 4.52
N ILE B 42 -10.17 8.27 3.60
CA ILE B 42 -11.56 7.91 3.88
C ILE B 42 -11.93 6.67 3.08
N PHE B 43 -12.66 5.75 3.71
CA PHE B 43 -13.19 4.59 3.00
C PHE B 43 -14.44 5.00 2.22
N LEU B 44 -14.35 4.95 0.90
CA LEU B 44 -15.44 5.33 0.01
C LEU B 44 -15.89 4.12 -0.80
N LYS B 45 -16.82 4.37 -1.74
CA LYS B 45 -17.40 3.27 -2.51
C LYS B 45 -16.34 2.55 -3.34
N LYS B 46 -15.35 3.29 -3.85
CA LYS B 46 -14.25 2.68 -4.60
C LYS B 46 -13.33 1.86 -3.69
N GLY B 47 -13.33 2.11 -2.37
CA GLY B 47 -12.42 1.53 -1.42
C GLY B 47 -11.71 2.63 -0.66
N LEU B 48 -10.58 2.30 -0.04
CA LEU B 48 -9.78 3.33 0.62
C LEU B 48 -9.39 4.39 -0.40
N ARG B 49 -9.55 5.66 -0.04
CA ARG B 49 -9.20 6.75 -0.95
C ARG B 49 -8.49 7.85 -0.18
N ALA B 50 -7.47 8.44 -0.80
CA ALA B 50 -6.93 9.70 -0.29
C ALA B 50 -7.87 10.81 -0.74
N VAL B 51 -8.20 11.72 0.18
CA VAL B 51 -9.20 12.76 -0.04
C VAL B 51 -8.62 14.09 0.42
N SER B 52 -8.84 15.15 -0.37
CA SER B 52 -8.34 16.47 0.01
C SER B 52 -9.03 17.55 -0.80
N LEU B 53 -8.98 18.77 -0.27
CA LEU B 53 -9.23 19.95 -1.08
C LEU B 53 -8.00 20.28 -1.91
N ALA B 54 -8.23 20.96 -3.03
CA ALA B 54 -7.22 21.35 -4.00
C ALA B 54 -7.58 22.73 -4.51
N HIS B 55 -6.75 23.26 -5.41
CA HIS B 55 -6.84 24.65 -5.85
C HIS B 55 -7.07 24.80 -7.35
N ASN B 56 -7.43 23.72 -8.04
CA ASN B 56 -7.50 23.72 -9.50
C ASN B 56 -6.20 24.28 -10.11
N THR B 57 -5.08 23.69 -9.69
CA THR B 57 -3.77 23.96 -10.27
C THR B 57 -2.87 22.76 -9.98
N ALA B 58 -1.64 22.81 -10.48
CA ALA B 58 -0.68 21.74 -10.28
C ALA B 58 0.70 22.25 -10.66
N GLY B 59 1.73 21.51 -10.22
CA GLY B 59 3.07 21.73 -10.71
C GLY B 59 3.18 21.38 -12.18
N PRO B 60 4.32 21.71 -12.83
CA PRO B 60 5.50 22.35 -12.23
C PRO B 60 5.40 23.86 -12.12
N ASN B 61 4.37 24.46 -12.74
CA ASN B 61 4.19 25.91 -12.74
C ASN B 61 2.83 26.26 -12.14
N PRO B 62 2.67 26.09 -10.84
CA PRO B 62 1.37 26.35 -10.21
C PRO B 62 1.02 27.82 -10.20
N LEU B 63 -0.28 28.09 -10.20
CA LEU B 63 -0.75 29.45 -10.09
C LEU B 63 -0.58 29.95 -8.65
N SER B 64 -0.46 31.26 -8.51
CA SER B 64 -0.30 31.87 -7.20
C SER B 64 -1.48 31.53 -6.28
N GLY B 65 -1.22 31.52 -4.98
CA GLY B 65 -2.26 31.42 -4.00
C GLY B 65 -2.55 30.04 -3.46
N THR B 66 -1.67 29.06 -3.71
CA THR B 66 -1.89 27.71 -3.18
C THR B 66 -1.92 27.69 -1.66
N GLY B 67 -1.38 28.72 -1.00
CA GLY B 67 -1.42 28.78 0.45
C GLY B 67 -2.76 29.21 1.03
N SER B 68 -3.62 29.84 0.23
CA SER B 68 -4.89 30.33 0.73
C SER B 68 -5.80 29.17 1.18
N ASP B 69 -6.78 29.51 2.00
CA ASP B 69 -7.71 28.53 2.56
C ASP B 69 -9.02 28.44 1.78
N ARG B 70 -9.63 29.60 1.46
CA ARG B 70 -10.96 29.64 0.86
C ARG B 70 -10.91 30.57 -0.34
N SER B 71 -10.98 30.00 -1.54
CA SER B 71 -11.10 30.79 -2.76
C SER B 71 -12.15 30.12 -3.64
N GLU B 72 -12.56 30.83 -4.69
CA GLU B 72 -13.52 30.27 -5.62
C GLU B 72 -12.98 29.10 -6.44
N PHE B 73 -11.65 28.88 -6.40
CA PHE B 73 -11.02 27.81 -7.15
C PHE B 73 -10.85 26.54 -6.32
N ARG B 74 -11.20 26.57 -5.05
CA ARG B 74 -11.04 25.40 -4.20
C ARG B 74 -12.04 24.31 -4.59
N ASP B 75 -11.54 23.07 -4.68
CA ASP B 75 -12.41 21.94 -5.03
C ASP B 75 -12.04 20.73 -4.20
N LEU B 76 -12.92 19.74 -4.19
CA LEU B 76 -12.69 18.51 -3.44
C LEU B 76 -12.34 17.42 -4.43
N ILE B 77 -11.25 16.68 -4.15
CA ILE B 77 -10.77 15.61 -5.04
C ILE B 77 -10.34 14.40 -4.21
N THR B 78 -10.29 13.26 -4.90
CA THR B 78 -9.93 11.97 -4.32
C THR B 78 -9.02 11.23 -5.29
N TRP B 79 -8.12 10.42 -4.75
CA TRP B 79 -7.20 9.64 -5.57
C TRP B 79 -6.76 8.39 -4.81
N SER B 80 -5.86 7.63 -5.45
CA SER B 80 -5.36 6.39 -4.87
C SER B 80 -4.59 6.66 -3.58
N PRO B 81 -4.79 5.85 -2.54
CA PRO B 81 -3.97 6.00 -1.32
C PRO B 81 -2.48 5.86 -1.56
N SER B 82 -2.06 5.25 -2.66
CA SER B 82 -0.64 5.12 -2.99
C SER B 82 -0.27 5.89 -4.25
N GLY B 83 -1.14 6.76 -4.74
CA GLY B 83 -0.86 7.57 -5.90
C GLY B 83 -0.49 8.99 -5.52
N TYR B 84 -0.73 9.92 -6.44
CA TYR B 84 -0.51 11.32 -6.15
C TYR B 84 -1.67 12.11 -6.73
N PRO B 85 -2.04 13.24 -6.11
CA PRO B 85 -3.17 14.04 -6.58
C PRO B 85 -2.86 14.63 -7.95
N GLY B 86 -3.72 14.33 -8.92
CA GLY B 86 -3.50 14.68 -10.31
C GLY B 86 -3.15 13.50 -11.20
N ASP B 87 -2.85 12.34 -10.62
CA ASP B 87 -2.44 11.18 -11.41
C ASP B 87 -3.68 10.53 -12.02
N GLU B 88 -3.53 9.31 -12.55
CA GLU B 88 -4.61 8.67 -13.29
C GLU B 88 -5.81 8.36 -12.40
N SER B 89 -5.58 8.15 -11.10
CA SER B 89 -6.65 7.77 -10.20
C SER B 89 -7.49 8.95 -9.74
N THR B 90 -7.17 10.15 -10.19
CA THR B 90 -7.77 11.34 -9.60
C THR B 90 -9.22 11.51 -10.05
N GLU B 91 -10.08 11.85 -9.08
CA GLU B 91 -11.48 12.10 -9.31
C GLU B 91 -11.81 13.46 -8.71
N THR B 92 -12.49 14.30 -9.48
CA THR B 92 -12.97 15.60 -8.98
C THR B 92 -14.41 15.47 -8.51
N ILE B 93 -14.69 15.94 -7.29
CA ILE B 93 -15.99 15.69 -6.65
C ILE B 93 -16.95 16.88 -6.73
N CYS B 94 -16.53 18.04 -6.22
CA CYS B 94 -17.44 19.20 -6.10
C CYS B 94 -16.60 20.45 -5.81
N LYS B 95 -17.27 21.60 -5.87
CA LYS B 95 -16.69 22.86 -5.39
C LYS B 95 -16.77 22.91 -3.88
N ALA B 96 -15.63 23.15 -3.24
CA ALA B 96 -15.58 23.10 -1.78
C ALA B 96 -14.32 23.76 -1.28
N TRP B 97 -14.44 24.55 -0.21
CA TRP B 97 -13.28 24.85 0.64
C TRP B 97 -13.48 24.30 2.05
N SER B 98 -14.52 23.50 2.27
CA SER B 98 -14.58 22.65 3.46
C SER B 98 -15.41 21.44 3.11
N PHE B 99 -15.12 20.28 3.72
CA PHE B 99 -15.74 19.06 3.18
C PHE B 99 -15.90 17.99 4.24
N PHE B 100 -16.80 17.06 3.96
CA PHE B 100 -16.80 15.76 4.60
C PHE B 100 -17.21 14.69 3.59
N ALA B 101 -16.98 13.42 3.94
CA ALA B 101 -17.40 12.36 3.03
C ALA B 101 -17.40 11.03 3.76
N CYS B 102 -18.23 10.11 3.30
CA CYS B 102 -18.25 8.75 3.82
C CYS B 102 -19.08 7.89 2.87
N PHE B 103 -19.13 6.60 3.16
CA PHE B 103 -19.80 5.61 2.32
C PHE B 103 -20.68 4.77 3.22
N ASP B 104 -21.99 4.76 2.96
CA ASP B 104 -22.92 4.08 3.86
C ASP B 104 -23.11 2.60 3.53
N GLY B 105 -22.34 2.04 2.60
CA GLY B 105 -22.56 0.68 2.16
C GLY B 105 -23.28 0.57 0.83
N LYS B 106 -23.97 1.62 0.42
CA LYS B 106 -24.62 1.68 -0.87
C LYS B 106 -24.08 2.81 -1.74
N GLU B 107 -23.83 3.97 -1.15
CA GLU B 107 -23.44 5.15 -1.93
C GLU B 107 -22.53 6.02 -1.07
N ASP B 108 -21.80 6.88 -1.75
CA ASP B 108 -21.03 7.92 -1.08
C ASP B 108 -21.93 9.10 -0.72
N LEU B 109 -21.87 9.49 0.54
CA LEU B 109 -22.37 10.79 0.97
C LEU B 109 -21.19 11.76 1.00
N ILE B 110 -21.42 12.98 0.53
CA ILE B 110 -20.37 13.97 0.32
C ILE B 110 -20.95 15.31 0.73
N GLY B 111 -20.20 16.06 1.54
CA GLY B 111 -20.60 17.41 1.95
C GLY B 111 -19.58 18.41 1.46
N CYS B 112 -20.04 19.45 0.76
CA CYS B 112 -19.19 20.43 0.10
C CYS B 112 -19.64 21.81 0.54
N ILE B 113 -18.82 22.49 1.33
CA ILE B 113 -19.12 23.84 1.77
C ILE B 113 -18.28 24.80 0.93
N SER B 114 -18.96 25.80 0.37
CA SER B 114 -18.30 26.93 -0.31
C SER B 114 -19.20 28.16 -0.19
N GLY B 115 -18.87 29.19 -0.98
CA GLY B 115 -19.59 30.45 -0.92
C GLY B 115 -18.84 31.53 -0.16
N PRO B 116 -19.47 32.69 0.00
CA PRO B 116 -18.80 33.80 0.71
C PRO B 116 -18.68 33.49 2.20
N ASP B 117 -17.72 34.18 2.82
CA ASP B 117 -17.49 33.96 4.25
C ASP B 117 -18.75 34.24 5.07
N ASN B 118 -19.41 35.38 4.83
CA ASN B 118 -20.55 35.75 5.65
C ASN B 118 -21.85 35.03 5.31
N ASN B 119 -21.81 33.95 4.51
CA ASN B 119 -23.03 33.25 4.14
C ASN B 119 -22.71 31.97 3.36
N ALA B 120 -21.69 31.23 3.77
CA ALA B 120 -21.35 30.01 3.06
C ALA B 120 -22.47 28.98 3.17
N VAL B 121 -22.46 28.01 2.24
CA VAL B 121 -23.51 27.00 2.12
C VAL B 121 -22.88 25.63 2.01
N LEU B 122 -23.45 24.67 2.76
CA LEU B 122 -23.13 23.24 2.62
C LEU B 122 -24.08 22.63 1.58
N THR B 123 -23.53 22.21 0.44
CA THR B 123 -24.24 21.39 -0.52
C THR B 123 -23.96 19.92 -0.21
N ILE B 124 -25.02 19.11 -0.17
CA ILE B 124 -24.94 17.70 0.16
C ILE B 124 -25.28 16.90 -1.08
N MET B 125 -24.32 16.05 -1.50
CA MET B 125 -24.47 15.10 -2.58
C MET B 125 -24.48 13.68 -2.03
N TYR B 126 -25.26 12.83 -2.71
CA TYR B 126 -25.41 11.42 -2.35
C TYR B 126 -25.39 10.63 -3.65
N GLY B 127 -24.43 9.71 -3.74
CA GLY B 127 -24.29 8.92 -4.95
C GLY B 127 -24.12 9.76 -6.20
N GLY B 128 -23.45 10.90 -6.09
CA GLY B 128 -23.16 11.73 -7.23
C GLY B 128 -24.19 12.80 -7.55
N LYS B 129 -25.31 12.84 -6.84
CA LYS B 129 -26.31 13.86 -7.17
C LYS B 129 -26.51 14.82 -6.00
N PRO B 130 -26.62 16.12 -6.26
CA PRO B 130 -26.91 17.05 -5.15
C PRO B 130 -28.29 16.74 -4.59
N THR B 131 -28.36 16.57 -3.28
CA THR B 131 -29.63 16.22 -2.67
C THR B 131 -30.15 17.23 -1.67
N ASP B 132 -29.30 18.05 -1.07
CA ASP B 132 -29.83 18.90 0.00
C ASP B 132 -28.82 20.00 0.28
N LEU B 133 -29.18 20.90 1.19
CA LEU B 133 -28.28 21.96 1.62
C LEU B 133 -28.46 22.24 3.11
N TYR B 134 -27.47 22.94 3.66
CA TYR B 134 -27.59 23.55 4.98
C TYR B 134 -26.95 24.94 4.92
N ASN B 135 -27.65 25.93 5.48
CA ASN B 135 -27.25 27.33 5.37
C ASN B 135 -26.43 27.77 6.57
N SER B 136 -25.64 28.82 6.36
CA SER B 136 -24.90 29.46 7.43
C SER B 136 -25.85 30.03 8.49
N TYR B 137 -25.53 29.78 9.76
CA TYR B 137 -26.37 30.28 10.84
C TYR B 137 -25.67 31.28 11.75
N ALA B 138 -24.35 31.40 11.68
CA ALA B 138 -23.61 32.43 12.40
C ALA B 138 -22.98 33.44 11.47
N LEU B 139 -23.11 33.27 10.16
CA LEU B 139 -22.66 34.24 9.17
C LEU B 139 -21.16 34.54 9.29
N ASP B 140 -20.37 33.52 9.65
CA ASP B 140 -18.92 33.68 9.79
C ASP B 140 -18.30 32.31 9.55
N ILE B 141 -18.14 31.97 8.27
CA ILE B 141 -17.42 30.79 7.79
C ILE B 141 -18.03 29.51 8.33
N LEU B 142 -19.26 29.20 7.91
CA LEU B 142 -19.78 27.85 8.04
C LEU B 142 -18.70 26.88 7.54
N ARG B 143 -18.48 25.81 8.28
CA ARG B 143 -17.36 24.91 7.97
C ARG B 143 -17.61 23.55 8.60
N THR B 144 -16.73 22.61 8.29
CA THR B 144 -17.02 21.23 8.68
C THR B 144 -15.71 20.49 8.92
N MET B 145 -15.74 19.16 8.84
CA MET B 145 -14.77 18.34 9.55
C MET B 145 -13.45 18.13 8.80
N GLU B 146 -13.46 18.21 7.46
CA GLU B 146 -12.32 17.80 6.64
C GLU B 146 -11.91 16.36 6.92
N SER B 147 -12.88 15.49 7.14
CA SER B 147 -12.61 14.06 7.35
C SER B 147 -13.93 13.30 7.27
N GLN B 148 -13.87 11.99 7.52
CA GLN B 148 -15.03 11.14 7.26
C GLN B 148 -16.21 11.50 8.13
N CYS B 149 -17.40 11.46 7.52
CA CYS B 149 -18.62 11.30 8.32
C CYS B 149 -18.73 9.85 8.76
N VAL B 150 -19.69 9.59 9.65
CA VAL B 150 -19.85 8.25 10.22
C VAL B 150 -21.24 7.75 9.87
N CYS B 151 -21.41 6.43 9.72
CA CYS B 151 -22.69 5.89 9.26
C CYS B 151 -23.13 4.69 10.10
N ASN B 152 -24.42 4.38 9.95
CA ASN B 152 -25.13 3.26 10.57
C ASN B 152 -26.54 3.13 10.01
N ASN B 153 -26.87 1.97 9.45
CA ASN B 153 -28.19 1.66 8.87
C ASN B 153 -28.74 2.82 8.04
N GLY B 154 -27.92 3.31 7.10
CA GLY B 154 -28.32 4.40 6.23
C GLY B 154 -28.28 5.81 6.82
N THR B 155 -28.05 5.96 8.11
CA THR B 155 -27.90 7.29 8.71
C THR B 155 -26.42 7.60 8.87
N CYS B 156 -26.01 8.71 8.29
CA CYS B 156 -24.65 9.19 8.42
C CYS B 156 -24.70 10.56 9.08
N SER B 157 -23.75 10.80 9.96
CA SER B 157 -23.73 12.02 10.74
C SER B 157 -22.43 12.76 10.45
N ALA B 158 -22.51 14.09 10.59
CA ALA B 158 -21.43 14.99 10.24
C ALA B 158 -21.48 16.23 11.13
N MET B 159 -20.33 16.61 11.66
CA MET B 159 -20.23 17.84 12.42
C MET B 159 -20.06 19.02 11.47
N ILE B 160 -20.75 20.12 11.76
CA ILE B 160 -20.54 21.41 11.12
C ILE B 160 -20.43 22.42 12.25
N THR B 161 -19.85 23.57 11.94
CA THR B 161 -19.86 24.65 12.89
C THR B 161 -19.85 25.97 12.15
N ASP B 162 -20.00 27.05 12.92
CA ASP B 162 -20.12 28.39 12.39
C ASP B 162 -19.78 29.37 13.51
N GLY B 163 -19.17 30.49 13.13
CA GLY B 163 -18.82 31.50 14.10
C GLY B 163 -17.35 31.85 14.08
N PRO B 164 -16.98 32.92 14.78
CA PRO B 164 -15.60 33.40 14.76
C PRO B 164 -14.61 32.30 15.13
N ASP B 165 -13.47 32.28 14.44
CA ASP B 165 -12.50 31.21 14.68
C ASP B 165 -11.74 31.39 15.99
N ILE B 166 -12.12 32.37 16.80
CA ILE B 166 -11.50 32.59 18.11
C ILE B 166 -12.58 32.68 19.17
N GLY B 167 -13.69 33.34 18.85
CA GLY B 167 -14.76 33.51 19.79
C GLY B 167 -15.53 32.22 19.92
N PRO B 168 -16.79 32.32 20.36
CA PRO B 168 -17.64 31.11 20.40
C PRO B 168 -17.89 30.60 19.00
N SER B 169 -17.83 29.26 18.84
CA SER B 169 -18.14 28.59 17.57
C SER B 169 -18.97 27.35 17.92
N LYS B 170 -20.25 27.60 18.24
CA LYS B 170 -21.18 26.53 18.60
C LYS B 170 -21.44 25.64 17.39
N ALA B 171 -21.09 24.36 17.53
CA ALA B 171 -21.21 23.42 16.43
C ALA B 171 -22.59 22.77 16.42
N ARG B 172 -22.85 22.00 15.36
CA ARG B 172 -24.10 21.32 15.13
C ARG B 172 -23.80 19.98 14.49
N MET B 173 -24.68 19.02 14.74
CA MET B 173 -24.55 17.67 14.21
C MET B 173 -25.69 17.41 13.23
N LEU B 174 -25.33 17.01 12.01
CA LEU B 174 -26.31 16.64 11.00
C LEU B 174 -26.44 15.12 10.96
N PHE B 175 -27.69 14.64 10.91
CA PHE B 175 -28.01 13.25 10.65
C PHE B 175 -28.77 13.17 9.32
N ILE B 176 -28.23 12.37 8.39
CA ILE B 176 -28.55 12.39 6.97
C ILE B 176 -28.78 10.95 6.51
N LYS B 177 -29.94 10.69 5.88
CA LYS B 177 -30.18 9.42 5.21
C LYS B 177 -30.42 9.67 3.72
N GLU B 178 -29.64 8.99 2.86
CA GLU B 178 -29.67 9.17 1.42
C GLU B 178 -29.49 10.63 1.01
N GLY B 179 -28.68 11.40 1.73
CA GLY B 179 -28.43 12.76 1.34
C GLY B 179 -29.41 13.79 1.87
N LYS B 180 -30.52 13.38 2.49
CA LYS B 180 -31.47 14.31 3.06
C LYS B 180 -31.21 14.47 4.55
N ILE B 181 -31.09 15.73 4.99
CA ILE B 181 -30.91 16.02 6.41
C ILE B 181 -32.18 15.65 7.14
N GLU B 182 -32.08 14.71 8.07
CA GLU B 182 -33.21 14.28 8.87
C GLU B 182 -33.21 14.90 10.25
N LYS B 183 -32.04 15.19 10.82
CA LYS B 183 -32.04 15.80 12.14
C LYS B 183 -30.84 16.72 12.28
N VAL B 184 -31.02 17.85 12.95
CA VAL B 184 -29.90 18.72 13.31
C VAL B 184 -29.92 18.93 14.82
N VAL B 185 -28.80 18.59 15.47
CA VAL B 185 -28.63 18.69 16.91
C VAL B 185 -27.65 19.83 17.18
N ILE B 186 -28.07 20.84 17.93
CA ILE B 186 -27.11 21.78 18.48
C ILE B 186 -26.34 21.08 19.59
N VAL B 187 -25.02 21.00 19.46
CA VAL B 187 -24.23 20.31 20.47
C VAL B 187 -23.95 21.27 21.63
N ASP B 188 -24.44 20.89 22.82
CA ASP B 188 -24.19 21.56 24.08
C ASP B 188 -23.25 20.72 24.93
N GLY B 189 -22.86 21.28 26.07
CA GLY B 189 -21.97 20.59 26.96
C GLY B 189 -20.83 21.49 27.37
N PRO B 190 -20.14 21.12 28.46
CA PRO B 190 -19.08 22.00 28.99
C PRO B 190 -17.92 22.20 28.04
N GLY B 191 -17.78 21.40 26.97
CA GLY B 191 -16.71 21.60 26.02
C GLY B 191 -17.16 22.07 24.63
N SER B 192 -18.34 22.67 24.56
CA SER B 192 -19.00 22.97 23.29
C SER B 192 -18.86 24.43 22.84
N SER B 193 -18.16 25.29 23.58
CA SER B 193 -18.10 26.70 23.23
C SER B 193 -17.54 26.91 21.83
N MET B 194 -16.33 26.44 21.58
CA MET B 194 -15.69 26.56 20.28
C MET B 194 -15.22 25.16 19.86
N VAL B 195 -15.91 24.61 18.87
CA VAL B 195 -15.69 23.24 18.42
C VAL B 195 -15.55 23.28 16.90
N GLU B 196 -14.46 22.72 16.38
CA GLU B 196 -14.33 22.62 14.93
C GLU B 196 -13.43 21.46 14.52
N GLU B 197 -13.50 21.14 13.22
CA GLU B 197 -12.64 20.14 12.59
C GLU B 197 -12.65 18.82 13.34
N CYS B 198 -13.84 18.43 13.78
CA CYS B 198 -13.99 17.17 14.51
C CYS B 198 -13.59 15.97 13.65
N SER B 199 -12.87 15.04 14.27
CA SER B 199 -12.48 13.76 13.67
C SER B 199 -13.29 12.67 14.37
N CYS B 200 -14.22 12.05 13.64
CA CYS B 200 -15.27 11.21 14.21
C CYS B 200 -15.12 9.75 13.76
N ILE B 201 -15.44 8.82 14.66
CA ILE B 201 -15.30 7.39 14.42
C ILE B 201 -16.44 6.66 15.14
N ASN B 202 -17.03 5.67 14.47
CA ASN B 202 -17.94 4.75 15.16
C ASN B 202 -17.22 4.02 16.27
N GLU B 203 -17.82 4.03 17.48
CA GLU B 203 -17.25 3.32 18.63
C GLU B 203 -17.92 1.98 18.92
N ASP B 204 -19.24 1.91 18.79
CA ASP B 204 -19.94 0.66 19.06
C ASP B 204 -21.29 0.76 18.37
N SER B 205 -22.06 -0.34 18.45
CA SER B 205 -23.31 -0.45 17.68
C SER B 205 -24.20 0.77 17.83
N ASN B 206 -24.12 1.47 18.96
CA ASN B 206 -25.00 2.60 19.25
C ASN B 206 -24.23 3.87 19.62
N GLU B 207 -22.92 3.90 19.38
CA GLU B 207 -22.13 5.05 19.82
C GLU B 207 -21.10 5.43 18.79
N PHE B 208 -20.85 6.74 18.67
CA PHE B 208 -19.65 7.21 18.00
C PHE B 208 -19.13 8.46 18.69
N GLY B 209 -17.85 8.74 18.46
CA GLY B 209 -17.18 9.81 19.16
C GLY B 209 -16.26 10.57 18.21
N CYS B 210 -15.93 11.80 18.62
CA CYS B 210 -15.08 12.70 17.87
C CYS B 210 -14.14 13.44 18.82
N LEU B 211 -12.93 13.69 18.35
CA LEU B 211 -11.97 14.55 19.02
C LEU B 211 -11.77 15.77 18.12
N CYS B 212 -12.00 16.95 18.67
CA CYS B 212 -12.14 18.14 17.85
C CYS B 212 -11.01 19.12 18.15
N ARG B 213 -11.07 20.27 17.49
CA ARG B 213 -10.12 21.36 17.66
C ARG B 213 -10.85 22.52 18.34
N ASP B 214 -10.27 23.03 19.43
CA ASP B 214 -10.67 24.29 20.05
C ASP B 214 -9.61 25.29 19.68
N ASN B 215 -9.97 26.33 18.93
CA ASN B 215 -8.97 27.23 18.38
C ASN B 215 -8.58 28.36 19.32
N THR B 216 -9.14 28.40 20.53
CA THR B 216 -8.72 29.37 21.53
C THR B 216 -7.42 28.90 22.18
N ALA B 217 -7.04 29.56 23.28
CA ALA B 217 -5.86 29.17 24.04
C ALA B 217 -5.95 27.75 24.58
N ASN B 218 -7.17 27.21 24.68
CA ASN B 218 -7.41 25.90 25.27
C ASN B 218 -6.71 24.80 24.48
N SER B 219 -5.98 23.93 25.20
CA SER B 219 -5.27 22.81 24.57
C SER B 219 -5.87 21.44 24.89
N ARG B 220 -6.92 21.37 25.69
CA ARG B 220 -7.72 20.16 25.79
C ARG B 220 -8.72 20.12 24.63
N ARG B 221 -8.83 18.97 23.97
CA ARG B 221 -9.68 18.85 22.80
C ARG B 221 -11.13 18.64 23.22
N PRO B 222 -12.07 19.30 22.54
CA PRO B 222 -13.48 18.94 22.75
C PRO B 222 -13.70 17.55 22.20
N PHE B 223 -14.38 16.71 22.97
CA PHE B 223 -14.77 15.40 22.54
C PHE B 223 -16.29 15.37 22.42
N LEU B 224 -16.77 14.97 21.25
CA LEU B 224 -18.20 14.81 20.98
C LEU B 224 -18.57 13.34 21.13
N LYS B 225 -19.62 13.08 21.88
CA LYS B 225 -20.16 11.73 22.05
C LYS B 225 -21.58 11.74 21.51
N CYS B 226 -21.90 10.81 20.63
CA CYS B 226 -23.22 10.74 20.04
C CYS B 226 -23.75 9.31 20.09
N PHE B 227 -25.07 9.23 20.23
CA PHE B 227 -25.82 7.99 20.23
C PHE B 227 -26.68 7.93 18.97
N TRP B 228 -26.58 6.79 18.26
CA TRP B 228 -27.33 6.59 17.01
C TRP B 228 -28.83 6.54 17.25
N ASP B 229 -29.28 5.79 18.28
CA ASP B 229 -30.72 5.55 18.41
C ASP B 229 -31.48 6.84 18.72
N SER B 230 -31.00 7.62 19.66
CA SER B 230 -31.63 8.90 19.99
C SER B 230 -31.18 10.03 19.07
N ARG B 231 -30.17 9.78 18.25
CA ARG B 231 -29.48 10.80 17.45
C ARG B 231 -29.18 12.01 18.34
N THR B 232 -28.39 11.76 19.39
CA THR B 232 -28.18 12.75 20.43
C THR B 232 -26.68 12.93 20.68
N CYS B 233 -26.23 14.15 20.98
CA CYS B 233 -24.80 14.38 21.13
C CYS B 233 -24.49 15.27 22.33
N LYS B 234 -23.21 15.27 22.73
CA LYS B 234 -22.73 16.09 23.83
C LYS B 234 -21.25 16.36 23.65
N ALA B 235 -20.78 17.51 24.15
CA ALA B 235 -19.37 17.89 24.08
C ALA B 235 -18.79 18.05 25.48
N ASP B 236 -17.66 17.37 25.74
CA ASP B 236 -16.91 17.55 26.98
C ASP B 236 -15.43 17.73 26.65
N TYR B 237 -14.71 18.47 27.48
CA TYR B 237 -13.27 18.56 27.27
C TYR B 237 -12.58 17.28 27.74
N THR B 238 -11.50 16.92 27.05
CA THR B 238 -10.63 15.88 27.56
C THR B 238 -9.98 16.32 28.87
N CYS B 239 -9.75 15.35 29.76
CA CYS B 239 -9.17 15.66 31.07
C CYS B 239 -7.73 15.19 31.24
N SER B 240 -7.32 14.15 30.54
CA SER B 240 -6.00 13.57 30.74
C SER B 240 -4.92 14.66 30.69
N GLN B 241 -3.88 14.48 31.49
CA GLN B 241 -2.80 15.45 31.52
C GLN B 241 -2.06 15.53 30.19
N THR B 242 -2.26 14.55 29.31
CA THR B 242 -1.60 14.52 28.01
C THR B 242 -2.37 15.44 27.09
N LEU B 243 -1.87 16.66 26.89
CA LEU B 243 -2.58 17.64 26.09
C LEU B 243 -2.40 17.29 24.61
N LEU B 244 -3.52 17.28 23.88
CA LEU B 244 -3.55 16.77 22.52
C LEU B 244 -3.44 17.85 21.45
N ASP B 245 -3.78 19.09 21.74
CA ASP B 245 -3.80 20.10 20.70
C ASP B 245 -2.39 20.63 20.44
N CYS B 246 -2.25 21.43 19.38
CA CYS B 246 -1.01 22.11 19.04
C CYS B 246 -1.30 23.53 18.54
N PRO B 247 -0.77 24.59 19.17
CA PRO B 247 0.18 24.66 20.31
C PRO B 247 -0.39 24.27 21.67
N ARG B 248 0.50 23.87 22.57
CA ARG B 248 0.11 23.51 23.93
C ARG B 248 1.26 23.80 24.88
N PRO B 249 0.97 23.97 26.15
CA PRO B 249 2.05 24.00 27.15
C PRO B 249 2.49 22.58 27.52
N ASN B 250 3.28 22.44 28.58
CA ASN B 250 3.63 21.11 29.08
C ASN B 250 2.38 20.38 29.56
N ASP B 251 2.49 19.05 29.62
CA ASP B 251 1.45 18.27 30.26
C ASP B 251 1.44 18.58 31.76
N SER B 252 0.24 18.74 32.32
CA SER B 252 0.11 18.91 33.76
C SER B 252 -1.27 18.47 34.22
N ILE B 253 -1.35 18.06 35.47
CA ILE B 253 -2.59 17.63 36.08
C ILE B 253 -3.43 18.85 36.44
N GLN B 254 -4.67 18.89 35.95
CA GLN B 254 -5.61 19.96 36.21
C GLN B 254 -7.00 19.35 36.37
N THR B 255 -7.88 20.05 37.08
CA THR B 255 -9.20 19.50 37.39
C THR B 255 -10.02 19.35 36.11
N CYS B 256 -10.79 18.26 36.05
CA CYS B 256 -11.55 17.96 34.85
C CYS B 256 -12.67 18.97 34.64
N GLY B 257 -13.11 19.08 33.39
CA GLY B 257 -14.29 19.87 33.08
C GLY B 257 -13.96 21.19 32.43
N THR B 258 -12.91 21.85 32.89
CA THR B 258 -12.55 23.17 32.39
C THR B 258 -11.54 23.07 31.26
N SER B 259 -11.57 24.07 30.37
CA SER B 259 -10.51 24.23 29.40
C SER B 259 -9.17 24.52 30.08
N PHE B 260 -8.09 24.33 29.32
CA PHE B 260 -6.76 24.60 29.84
C PHE B 260 -5.79 24.77 28.69
N GLY B 261 -5.06 25.88 28.70
CA GLY B 261 -4.08 26.15 27.67
C GLY B 261 -3.60 27.58 27.70
N SER B 262 -2.45 27.85 27.09
CA SER B 262 -1.81 29.16 27.16
C SER B 262 -1.56 29.82 25.82
N LEU B 263 -1.79 29.12 24.71
CA LEU B 263 -1.42 29.60 23.39
C LEU B 263 -2.59 29.39 22.44
N ALA B 264 -3.09 30.48 21.87
CA ALA B 264 -4.19 30.38 20.92
C ALA B 264 -3.74 29.64 19.68
N GLY B 265 -4.70 29.03 18.99
CA GLY B 265 -4.40 28.20 17.82
C GLY B 265 -5.05 26.85 17.97
N GLY B 266 -4.64 25.92 17.11
CA GLY B 266 -5.27 24.61 17.10
C GLY B 266 -4.79 23.81 15.92
N LEU B 267 -5.20 22.55 15.93
CA LEU B 267 -4.78 21.60 14.90
C LEU B 267 -5.76 20.45 14.92
N LYS B 268 -6.28 20.09 13.75
CA LYS B 268 -7.14 18.92 13.66
C LYS B 268 -6.36 17.66 14.02
N GLY B 269 -6.94 16.81 14.85
CA GLY B 269 -6.23 15.61 15.29
C GLY B 269 -7.15 14.41 15.30
N ALA B 270 -6.53 13.24 15.25
CA ALA B 270 -7.25 11.99 15.08
C ALA B 270 -7.80 11.49 16.41
N TYR B 271 -9.05 11.00 16.38
CA TYR B 271 -9.58 10.15 17.41
C TYR B 271 -9.53 8.71 16.92
N ILE B 272 -8.97 7.82 17.72
CA ILE B 272 -8.76 6.43 17.32
C ILE B 272 -9.28 5.56 18.45
N PRO B 273 -10.58 5.30 18.53
CA PRO B 273 -11.06 4.30 19.49
C PRO B 273 -10.62 2.93 19.03
N LEU B 274 -10.21 2.10 19.98
CA LEU B 274 -9.68 0.77 19.71
C LEU B 274 -10.53 -0.23 20.47
N GLY B 275 -11.35 -1.01 19.76
CA GLY B 275 -12.28 -1.81 20.51
C GLY B 275 -13.18 -0.94 21.39
N LYS B 276 -13.70 -1.57 22.44
CA LYS B 276 -14.70 -0.94 23.28
C LYS B 276 -14.12 -0.18 24.45
N GLY B 277 -12.94 -0.53 24.93
CA GLY B 277 -12.48 0.09 26.16
C GLY B 277 -11.19 0.90 26.08
N ARG B 278 -10.77 1.25 24.87
CA ARG B 278 -9.44 1.82 24.63
C ARG B 278 -9.56 3.05 23.75
N ILE B 279 -8.81 4.10 24.07
CA ILE B 279 -8.83 5.35 23.33
C ILE B 279 -7.41 5.74 22.98
N CYS B 280 -7.16 6.04 21.69
CA CYS B 280 -5.90 6.62 21.27
C CYS B 280 -6.16 7.92 20.52
N ALA B 281 -5.10 8.70 20.39
CA ALA B 281 -5.17 9.98 19.70
C ALA B 281 -3.77 10.32 19.19
N THR B 282 -3.72 11.23 18.24
CA THR B 282 -2.45 11.68 17.72
C THR B 282 -2.14 13.07 18.26
N ARG B 283 -0.87 13.38 18.35
CA ARG B 283 -0.49 14.76 18.61
C ARG B 283 0.91 15.01 18.08
N THR B 284 1.22 16.28 17.85
CA THR B 284 2.56 16.62 17.39
C THR B 284 3.59 16.26 18.47
N VAL B 285 4.78 15.88 18.02
CA VAL B 285 5.87 15.72 18.99
C VAL B 285 6.26 17.07 19.56
N ASP B 286 6.37 18.08 18.69
CA ASP B 286 6.68 19.44 19.12
C ASP B 286 5.44 20.11 19.71
N LYS B 287 5.64 20.79 20.84
CA LYS B 287 4.54 21.39 21.57
C LYS B 287 3.93 22.59 20.85
N ILE B 288 4.68 23.26 19.99
CA ILE B 288 4.28 24.52 19.41
C ILE B 288 4.26 24.47 17.89
N GLN B 289 5.26 23.83 17.28
CA GLN B 289 5.31 23.71 15.83
C GLN B 289 4.68 22.38 15.40
N ARG B 290 4.08 22.39 14.21
CA ARG B 290 3.41 21.19 13.68
C ARG B 290 4.48 20.25 13.14
N LYS B 291 5.16 19.57 14.06
CA LYS B 291 6.26 18.68 13.75
C LYS B 291 6.06 17.35 14.47
N GLY B 292 6.28 16.25 13.73
CA GLY B 292 6.11 14.91 14.27
C GLY B 292 4.67 14.54 14.51
N MET B 293 4.41 13.25 14.76
CA MET B 293 3.06 12.78 15.06
C MET B 293 3.20 11.50 15.89
N GLU B 294 2.98 11.62 17.18
CA GLU B 294 3.05 10.44 18.01
C GLU B 294 1.64 10.02 18.43
N LEU B 295 1.53 8.73 18.73
CA LEU B 295 0.28 8.09 19.09
C LEU B 295 0.25 7.81 20.58
N MET B 296 -0.82 8.27 21.24
CA MET B 296 -0.98 8.13 22.68
C MET B 296 -2.25 7.34 22.96
N CYS B 297 -2.21 6.44 23.93
CA CYS B 297 -3.39 5.62 24.23
C CYS B 297 -3.58 5.50 25.73
N THR B 298 -4.83 5.23 26.11
CA THR B 298 -5.22 4.93 27.48
C THR B 298 -6.38 3.95 27.43
N ASN B 299 -6.61 3.26 28.54
CA ASN B 299 -7.78 2.42 28.65
C ASN B 299 -8.83 3.01 29.57
N GLY B 300 -8.64 4.25 30.01
CA GLY B 300 -9.55 4.92 30.92
C GLY B 300 -10.40 5.96 30.22
N ASN B 301 -11.30 6.56 31.00
CA ASN B 301 -12.16 7.61 30.47
C ASN B 301 -11.33 8.88 30.40
N ILE B 302 -10.90 9.25 29.19
CA ILE B 302 -10.14 10.48 28.97
C ILE B 302 -10.91 11.74 29.38
N LEU B 303 -12.23 11.66 29.51
CA LEU B 303 -12.99 12.82 29.92
C LEU B 303 -13.11 12.97 31.42
N LEU B 304 -12.75 11.93 32.19
CA LEU B 304 -12.94 11.90 33.63
C LEU B 304 -11.66 11.64 34.41
N GLU B 305 -10.57 11.26 33.73
CA GLU B 305 -9.35 10.87 34.42
C GLU B 305 -8.17 11.70 33.94
N GLN B 306 -7.32 12.10 34.88
CA GLN B 306 -6.15 12.93 34.60
C GLN B 306 -4.97 12.13 34.09
N ASP B 307 -4.99 10.79 34.26
CA ASP B 307 -3.88 9.91 33.91
C ASP B 307 -3.28 10.25 32.55
N ALA B 308 -1.96 10.23 32.47
CA ALA B 308 -1.30 10.44 31.20
C ALA B 308 -1.70 9.33 30.22
N MET B 309 -1.79 9.68 28.95
CA MET B 309 -1.90 8.66 27.92
C MET B 309 -0.50 8.15 27.61
N LYS B 310 -0.40 6.85 27.35
CA LYS B 310 0.89 6.24 27.14
C LYS B 310 1.32 6.42 25.68
N LYS B 311 2.47 7.05 25.45
CA LYS B 311 2.99 7.12 24.09
C LYS B 311 3.21 5.73 23.50
N ILE B 312 2.48 5.41 22.44
CA ILE B 312 2.64 4.12 21.79
C ILE B 312 3.81 4.15 20.81
N GLY B 313 3.97 5.23 20.06
CA GLY B 313 5.08 5.33 19.15
C GLY B 313 4.98 6.55 18.28
N ASP B 314 5.99 6.68 17.42
CA ASP B 314 6.06 7.75 16.44
C ASP B 314 5.57 7.21 15.10
N LEU B 315 4.43 7.72 14.63
CA LEU B 315 3.98 7.41 13.28
C LEU B 315 4.99 7.85 12.25
N VAL B 316 5.75 8.89 12.56
CA VAL B 316 6.50 9.63 11.56
C VAL B 316 7.81 10.08 12.20
N THR B 317 8.84 10.31 11.36
CA THR B 317 10.07 10.99 11.74
C THR B 317 9.72 12.17 12.63
N PRO B 318 10.11 12.18 13.91
CA PRO B 318 9.52 13.17 14.85
C PRO B 318 9.92 14.61 14.59
N THR B 319 11.00 14.89 13.85
CA THR B 319 11.27 16.26 13.44
C THR B 319 10.66 16.61 12.09
N ALA B 320 9.96 15.69 11.45
CA ALA B 320 9.35 16.01 10.17
C ALA B 320 8.14 16.91 10.37
N GLN B 321 7.94 17.82 9.44
CA GLN B 321 6.75 18.66 9.46
C GLN B 321 5.53 17.81 9.13
N THR B 322 4.46 17.99 9.91
CA THR B 322 3.26 17.18 9.72
C THR B 322 2.10 18.14 9.44
N GLY B 323 1.07 18.12 10.25
CA GLY B 323 -0.15 18.84 9.92
C GLY B 323 -1.35 18.11 10.51
N TYR B 324 -2.44 18.07 9.74
CA TYR B 324 -3.66 17.43 10.21
C TYR B 324 -3.49 15.93 10.33
N SER B 325 -4.34 15.31 11.15
CA SER B 325 -4.42 13.85 11.17
C SER B 325 -5.85 13.46 11.49
N SER B 326 -6.27 12.32 10.95
CA SER B 326 -7.60 11.80 11.25
C SER B 326 -7.68 10.36 10.78
N ALA B 327 -8.65 9.63 11.33
CA ALA B 327 -8.75 8.20 11.10
C ALA B 327 -9.98 7.88 10.23
N THR B 328 -10.02 6.63 9.76
CA THR B 328 -11.17 6.10 9.03
C THR B 328 -11.22 4.59 9.27
N THR B 329 -12.41 4.01 9.09
CA THR B 329 -12.65 2.61 9.42
C THR B 329 -13.11 1.85 8.17
N ILE B 330 -12.60 0.62 8.05
CA ILE B 330 -12.66 -0.16 6.83
C ILE B 330 -13.31 -1.50 7.19
N PRO B 331 -14.35 -1.92 6.48
CA PRO B 331 -15.05 -3.16 6.85
C PRO B 331 -14.11 -4.36 6.81
N ARG B 332 -14.39 -5.32 7.69
CA ARG B 332 -13.64 -6.57 7.77
C ARG B 332 -14.65 -7.71 7.66
N ALA B 333 -14.54 -8.51 6.60
CA ALA B 333 -15.49 -9.60 6.42
C ALA B 333 -15.30 -10.70 7.45
N THR B 334 -14.07 -10.84 7.99
CA THR B 334 -13.75 -11.98 8.84
C THR B 334 -14.37 -11.87 10.23
N GLU B 335 -14.35 -10.68 10.85
CA GLU B 335 -14.98 -10.55 12.16
C GLU B 335 -15.93 -9.36 12.22
N GLU B 336 -16.38 -9.01 13.42
CA GLU B 336 -17.44 -8.04 13.62
C GLU B 336 -16.92 -6.64 13.95
N CYS B 337 -15.63 -6.38 13.74
CA CYS B 337 -15.04 -5.08 13.97
C CYS B 337 -14.52 -4.51 12.65
N ASP B 338 -14.37 -3.19 12.60
CA ASP B 338 -13.73 -2.54 11.47
C ASP B 338 -12.24 -2.37 11.73
N THR B 339 -11.46 -2.43 10.66
CA THR B 339 -10.06 -2.03 10.72
C THR B 339 -10.01 -0.51 10.86
N ILE B 340 -9.06 0.01 11.61
CA ILE B 340 -8.92 1.45 11.70
C ILE B 340 -7.53 1.87 11.20
N CYS B 341 -7.51 2.87 10.32
CA CYS B 341 -6.30 3.49 9.84
C CYS B 341 -6.31 4.96 10.19
N VAL B 342 -5.12 5.50 10.46
CA VAL B 342 -4.93 6.92 10.67
C VAL B 342 -4.10 7.48 9.53
N ALA B 343 -4.53 8.62 9.00
CA ALA B 343 -3.77 9.36 8.01
C ALA B 343 -3.21 10.62 8.64
N THR B 344 -1.90 10.79 8.52
CA THR B 344 -1.24 12.02 8.96
C THR B 344 -0.74 12.81 7.75
N GLU B 345 -1.12 14.09 7.71
CA GLU B 345 -0.70 15.03 6.69
C GLU B 345 0.74 15.47 6.94
N LEU B 346 1.50 15.65 5.87
CA LEU B 346 2.91 16.06 5.94
C LEU B 346 3.08 17.28 5.05
N VAL B 347 2.90 18.48 5.61
CA VAL B 347 2.89 19.68 4.78
C VAL B 347 4.29 20.01 4.31
N PHE B 348 4.42 20.49 3.08
CA PHE B 348 5.68 21.04 2.59
C PHE B 348 5.38 22.31 1.79
N SER B 349 6.43 23.03 1.44
CA SER B 349 6.26 24.26 0.68
C SER B 349 7.55 24.55 -0.06
N GLY B 350 7.47 25.49 -0.99
CA GLY B 350 8.67 25.88 -1.72
C GLY B 350 8.34 26.70 -2.94
N ALA B 351 9.23 26.63 -3.93
CA ALA B 351 9.03 27.35 -5.18
C ALA B 351 7.69 27.03 -5.83
N LYS B 352 7.21 25.79 -5.67
CA LYS B 352 5.96 25.34 -6.26
C LYS B 352 4.76 25.51 -5.33
N GLY B 353 4.87 26.35 -4.30
CA GLY B 353 3.74 26.65 -3.45
C GLY B 353 3.67 25.79 -2.20
N THR B 354 2.51 25.86 -1.55
CA THR B 354 2.19 25.03 -0.40
C THR B 354 1.51 23.74 -0.86
N ASN B 355 1.78 22.65 -0.14
CA ASN B 355 1.36 21.33 -0.61
C ASN B 355 1.48 20.37 0.57
N ALA B 356 1.16 19.09 0.33
CA ALA B 356 1.25 18.12 1.42
C ALA B 356 1.41 16.70 0.87
N ASP B 357 2.20 15.88 1.57
CA ASP B 357 2.19 14.44 1.42
C ASP B 357 1.24 13.81 2.43
N LEU B 358 1.03 12.50 2.30
CA LEU B 358 0.13 11.79 3.21
C LEU B 358 0.79 10.46 3.60
N VAL B 359 0.64 10.06 4.87
CA VAL B 359 1.04 8.69 5.22
C VAL B 359 -0.14 8.00 5.91
N ILE B 360 -0.34 6.71 5.61
CA ILE B 360 -1.52 5.98 6.09
C ILE B 360 -1.08 4.75 6.89
N HIS B 361 -1.32 4.76 8.22
CA HIS B 361 -1.07 3.61 9.08
C HIS B 361 -2.38 2.87 9.38
N CYS B 362 -2.31 1.54 9.50
CA CYS B 362 -3.47 0.74 9.86
C CYS B 362 -3.11 -0.25 10.97
N LEU B 363 -4.04 -0.43 11.91
CA LEU B 363 -3.83 -1.40 12.99
C LEU B 363 -4.20 -2.80 12.51
N LEU B 364 -3.23 -3.71 12.44
CA LEU B 364 -3.46 -5.07 11.96
C LEU B 364 -2.84 -6.08 12.93
N GLY B 365 -3.25 -7.35 12.78
CA GLY B 365 -2.69 -8.45 13.55
C GLY B 365 -3.47 -8.79 14.81
N GLU B 366 -3.02 -9.85 15.47
CA GLU B 366 -3.70 -10.32 16.67
C GLU B 366 -3.78 -9.21 17.72
N ALA B 367 -4.94 -9.12 18.36
CA ALA B 367 -5.16 -8.15 19.42
C ALA B 367 -4.04 -8.21 20.46
N ARG B 368 -3.61 -7.03 20.92
CA ARG B 368 -2.53 -6.91 21.90
C ARG B 368 -2.91 -5.85 22.91
N GLU B 369 -2.58 -6.12 24.18
CA GLU B 369 -2.78 -5.15 25.25
C GLU B 369 -2.15 -3.82 24.89
N THR B 370 -0.96 -3.84 24.32
CA THR B 370 -0.31 -2.61 23.89
C THR B 370 0.33 -2.86 22.53
N GLU B 371 0.12 -1.95 21.61
CA GLU B 371 0.55 -2.16 20.24
C GLU B 371 1.81 -1.35 19.95
N SER B 372 2.41 -1.63 18.80
CA SER B 372 3.60 -0.93 18.38
C SER B 372 3.30 -0.24 17.05
N VAL B 373 4.29 0.52 16.57
CA VAL B 373 4.11 1.38 15.40
C VAL B 373 5.36 1.32 14.53
N VAL B 374 5.18 1.02 13.25
CA VAL B 374 6.26 1.23 12.29
C VAL B 374 6.36 2.72 12.02
N THR B 375 7.55 3.29 12.26
CA THR B 375 7.77 4.70 12.04
C THR B 375 8.06 4.94 10.56
N ALA B 376 7.14 5.62 9.87
CA ALA B 376 7.32 5.99 8.47
C ALA B 376 8.33 7.14 8.38
N VAL B 377 9.43 6.91 7.64
CA VAL B 377 10.49 7.93 7.56
C VAL B 377 10.09 8.99 6.55
N VAL B 378 10.39 10.26 6.87
CA VAL B 378 10.14 11.38 5.97
C VAL B 378 11.44 12.15 5.82
N ASP B 379 12.14 11.93 4.71
CA ASP B 379 13.44 12.56 4.43
C ASP B 379 13.43 13.04 2.98
N ARG B 380 13.41 14.35 2.77
CA ARG B 380 13.34 14.90 1.42
C ARG B 380 14.67 15.50 0.94
N THR B 381 15.79 15.21 1.63
CA THR B 381 17.04 15.90 1.29
C THR B 381 17.47 15.64 -0.14
N THR B 382 17.17 14.47 -0.71
CA THR B 382 17.68 14.18 -2.04
C THR B 382 16.96 14.96 -3.13
N TYR B 383 15.82 15.59 -2.83
CA TYR B 383 15.10 16.29 -3.89
C TYR B 383 14.41 17.59 -3.45
N SER B 384 14.69 18.10 -2.25
CA SER B 384 13.88 19.19 -1.74
C SER B 384 14.13 20.50 -2.48
N SER B 385 15.33 20.67 -3.04
CA SER B 385 15.64 21.92 -3.72
C SER B 385 14.75 22.16 -4.93
N LEU B 386 14.12 21.11 -5.43
CA LEU B 386 13.20 21.22 -6.56
C LEU B 386 11.77 21.54 -6.12
N LEU B 387 11.55 21.77 -4.83
CA LEU B 387 10.19 21.99 -4.32
C LEU B 387 9.81 23.48 -4.20
#